data_1QFF
#
_entry.id   1QFF
#
_cell.length_a   171.400
_cell.length_b   171.400
_cell.length_c   85.700
_cell.angle_alpha   90.00
_cell.angle_beta   90.00
_cell.angle_gamma   120.00
#
_symmetry.space_group_name_H-M   'P 61'
#
loop_
_entity.id
_entity.type
_entity.pdbx_description
1 polymer 'FERRIC HYDROXAMATE UPTAKE RECEPTOR'
2 branched 'alpha-D-glucopyranose-(1-3)-[alpha-D-galactopyranose-(1-6)]alpha-D-glucopyranose-(1-3)-L-glycero-alpha-D-manno-heptopyranose-(1-3)-L-glycero-alpha-D-manno-heptopyranose-(1-5)-[3-deoxy-alpha-D-manno-oct-2-ulopyranosonic acid-(2-4)]3-deoxy-alpha-D-manno-oct-2-ulopyranosonic acid-(2-6)-2-amino-2,3-dideoxy-alpha-D-glucoyranose-(1-6)-2-amino-2-deoxy-alpha-D-glucopyranose'
3 non-polymer 'PHOSPHATE ION'
4 non-polymer '3-HYDROXY-TETRADECANOIC ACID'
5 non-polymer 'LAURIC ACID'
6 non-polymer 'MYRISTIC ACID'
7 non-polymer DIPHOSPHATE
8 non-polymer 2-AMINO-VINYL-PHOSPHATE
9 non-polymer FERRICROCIN-IRON
10 non-polymer DECYLAMINE-N,N-DIMETHYL-N-OXIDE
11 water water
#
_entity_poly.entity_id   1
_entity_poly.type   'polypeptide(L)'
_entity_poly.pdbx_seq_one_letter_code
;AVEPKEDTITVTAAPAPQESAWGPAATIAARQSATGTKTDTPIQKVPQSISVVTAEE(MSE)ALHQPKSVKEALSYTPGV
SVGTRGASNTYDHLIIRGFAAEGQSQNNYLNGLKLQGNFYNDAVIDPY(MSE)LERAEI(MSE)RGPVSVLYGKSSPGGL
LN(MSE)VSKRPTTEPLKEVQFKAGTDSLFQTGFDFSDSLDDDGVYSYRLTGLARSANAQQKGSEEQRYAIAPAFTWRPD
DKTNFTFLSYFQNEPETGYYGWLPKEGTVEPLPNGKRLPTDFNEGAKNNTYSRNEK(MSE)VGYSFDHEFNDTFTVRQNL
RFAENKTSQNSVYGYGVCSDPANAYSKQCAALAPADKGHYLARKYVVDDEKLQNFSVDTQLQSKFATGDIDHTLLTGVDF
(MSE)R(MSE)RNDINAWFGYDDSVPLLNLYNPSSHHHHHHGSSVNTDFDFNAKDPANSGPYRILNKQKQTGVYVQDQAQ
WDKVLVTLGGRYDWADQESLNRVAGTTDKRDDKQFTWRGGVNYLFDNGVTPYFSYSESFEPSSQVGKDGNIFAPSKGKQY
EVGVKYVPEDRPIVVTGAVYNLTKTNNL(MSE)ADPEGSFFSVEGGEIRARGVEIEAKAALSASVNVVGSYTYTDAEYTT
DTTYKGNTPAQVPKH(MSE)ASLWADYTFFDGPLSGLTLGTGGRYTGSSYGDPANSFKVGSYTVVDALVRYDLARVG
(MSE)AGSNVALHVNNLFDREYVASCFNTYGCFWGAERQVVATATFRF
;
_entity_poly.pdbx_strand_id   A
#
loop_
_chem_comp.id
_chem_comp.type
_chem_comp.name
_chem_comp.formula
DAO non-polymer 'LAURIC ACID' 'C12 H24 O2'
DDQ non-polymer DECYLAMINE-N,N-DIMETHYL-N-OXIDE 'C12 H27 N O'
DPO non-polymer DIPHOSPHATE 'O7 P2 -4'
EAP non-polymer 2-AMINO-VINYL-PHOSPHATE 'C2 H6 N O4 P'
FCI non-polymer FERRICROCIN-IRON 'C28 H44 Fe N9 O13'
FTT non-polymer '3-HYDROXY-TETRADECANOIC ACID' 'C14 H28 O3'
GCN D-saccharide, alpha linking 2-amino-2,3-dideoxy-alpha-D-glucoyranose 'C6 H13 N O4'
GLA D-saccharide, alpha linking alpha-D-galactopyranose 'C6 H12 O6'
GLC D-saccharide, alpha linking alpha-D-glucopyranose 'C6 H12 O6'
GMH D-saccharide, alpha linking L-glycero-alpha-D-manno-heptopyranose 'C7 H14 O7'
KDO D-saccharide, alpha linking '3-deoxy-alpha-D-manno-oct-2-ulopyranosonic acid' 'C8 H14 O8'
MYR non-polymer 'MYRISTIC ACID' 'C14 H28 O2'
PA1 D-saccharide, alpha linking 2-amino-2-deoxy-alpha-D-glucopyranose 'C6 H13 N O5'
PO4 non-polymer 'PHOSPHATE ION' 'O4 P -3'
#
# COMPACT_ATOMS: atom_id res chain seq x y z
N GLU A 19 21.00 8.27 -13.29
CA GLU A 19 19.77 7.92 -12.52
C GLU A 19 19.78 8.52 -11.11
N SER A 20 18.74 9.29 -10.79
CA SER A 20 18.61 9.92 -9.48
C SER A 20 17.54 9.17 -8.69
N ALA A 21 17.78 8.97 -7.41
CA ALA A 21 16.84 8.27 -6.54
C ALA A 21 15.45 8.92 -6.58
N TRP A 22 15.41 10.17 -7.02
CA TRP A 22 14.16 10.93 -7.10
C TRP A 22 13.68 11.08 -8.54
N GLY A 23 14.22 10.29 -9.45
CA GLY A 23 13.83 10.39 -10.85
C GLY A 23 13.84 9.07 -11.57
N PRO A 24 13.57 9.06 -12.88
CA PRO A 24 13.56 7.86 -13.70
C PRO A 24 14.81 7.03 -13.61
N ALA A 25 14.62 5.77 -13.93
CA ALA A 25 15.65 4.75 -13.98
C ALA A 25 15.42 4.29 -15.41
N ALA A 26 16.40 4.48 -16.29
CA ALA A 26 16.21 4.11 -17.69
C ALA A 26 15.79 2.67 -17.97
N THR A 27 15.81 1.82 -16.93
CA THR A 27 15.45 0.43 -17.12
C THR A 27 14.55 -0.09 -16.01
N ILE A 28 13.83 -1.17 -16.31
CA ILE A 28 12.91 -1.83 -15.38
C ILE A 28 13.53 -1.89 -13.97
N ALA A 29 14.84 -2.12 -13.92
CA ALA A 29 15.57 -2.20 -12.66
C ALA A 29 16.34 -0.92 -12.38
N ALA A 30 16.08 -0.33 -11.21
CA ALA A 30 16.73 0.90 -10.80
C ALA A 30 17.90 0.62 -9.88
N ARG A 31 18.98 1.37 -10.05
CA ARG A 31 20.18 1.19 -9.25
C ARG A 31 20.22 2.15 -8.07
N GLN A 32 19.57 3.31 -8.22
CA GLN A 32 19.56 4.33 -7.18
C GLN A 32 18.25 4.46 -6.40
N SER A 33 18.37 4.63 -5.08
CA SER A 33 17.22 4.80 -4.19
C SER A 33 17.61 5.60 -2.96
N ALA A 34 16.72 6.47 -2.51
CA ALA A 34 17.01 7.30 -1.36
C ALA A 34 16.04 7.13 -0.21
N THR A 35 15.14 6.15 -0.29
CA THR A 35 14.17 5.99 0.78
C THR A 35 14.60 5.06 1.89
N GLY A 36 15.84 4.57 1.83
CA GLY A 36 16.32 3.68 2.86
C GLY A 36 17.41 4.33 3.70
N THR A 37 18.01 5.39 3.16
CA THR A 37 19.08 6.10 3.85
C THR A 37 18.88 7.60 3.80
N LYS A 38 17.81 8.02 3.14
CA LYS A 38 17.48 9.44 2.99
C LYS A 38 18.56 10.22 2.25
N THR A 39 19.36 9.50 1.46
CA THR A 39 20.41 10.09 0.65
C THR A 39 20.59 9.22 -0.58
N ASP A 40 20.71 9.85 -1.75
CA ASP A 40 20.88 9.12 -3.02
C ASP A 40 21.99 8.08 -2.89
N THR A 41 21.61 6.81 -2.83
CA THR A 41 22.56 5.72 -2.66
C THR A 41 22.30 4.52 -3.59
N PRO A 42 23.35 3.88 -4.11
CA PRO A 42 23.07 2.74 -4.98
C PRO A 42 22.57 1.58 -4.11
N ILE A 43 21.48 0.94 -4.54
CA ILE A 43 20.88 -0.15 -3.78
C ILE A 43 21.83 -1.14 -3.12
N GLN A 44 22.89 -1.53 -3.84
CA GLN A 44 23.85 -2.49 -3.29
C GLN A 44 24.48 -1.92 -2.02
N LYS A 45 24.63 -0.61 -1.97
CA LYS A 45 25.22 0.07 -0.83
C LYS A 45 24.22 0.32 0.29
N VAL A 46 23.07 -0.34 0.24
CA VAL A 46 22.07 -0.14 1.29
C VAL A 46 21.85 -1.40 2.12
N PRO A 47 22.06 -1.30 3.43
CA PRO A 47 21.94 -2.35 4.45
C PRO A 47 20.54 -2.92 4.67
N GLN A 48 19.58 -2.55 3.82
CA GLN A 48 18.23 -3.06 3.99
C GLN A 48 17.51 -3.43 2.70
N SER A 49 16.57 -4.35 2.81
CA SER A 49 15.78 -4.80 1.66
C SER A 49 14.92 -3.67 1.12
N ILE A 50 15.26 -3.17 -0.07
CA ILE A 50 14.50 -2.11 -0.70
C ILE A 50 14.15 -2.48 -2.14
N SER A 51 12.87 -2.48 -2.45
CA SER A 51 12.39 -2.78 -3.78
C SER A 51 11.94 -1.51 -4.46
N VAL A 52 12.15 -1.44 -5.77
CA VAL A 52 11.77 -0.27 -6.53
C VAL A 52 11.05 -0.60 -7.83
N VAL A 53 9.76 -0.26 -7.89
CA VAL A 53 8.97 -0.49 -9.09
C VAL A 53 9.05 0.78 -9.91
N THR A 54 9.62 0.66 -11.10
CA THR A 54 9.79 1.77 -12.03
C THR A 54 8.46 2.16 -12.64
N ALA A 55 8.39 3.37 -13.17
CA ALA A 55 7.16 3.84 -13.82
C ALA A 55 7.00 3.01 -15.10
N GLU A 56 8.13 2.57 -15.65
CA GLU A 56 8.15 1.76 -16.85
C GLU A 56 7.36 0.48 -16.60
N GLU A 57 7.65 -0.16 -15.47
CA GLU A 57 6.97 -1.40 -15.11
C GLU A 57 5.47 -1.15 -15.02
N MSE A 58 5.08 -0.03 -14.40
CA MSE A 58 3.68 0.32 -14.25
C MSE A 58 3.05 0.61 -15.62
O MSE A 58 1.88 0.30 -15.85
CB MSE A 58 3.50 1.52 -13.31
CG MSE A 58 3.90 1.19 -11.87
SE MSE A 58 3.63 2.62 -10.59
CE MSE A 58 5.38 3.45 -10.69
N ALA A 59 3.82 1.23 -16.50
CA ALA A 59 3.35 1.54 -17.84
C ALA A 59 3.34 0.26 -18.66
N LEU A 60 3.48 -0.86 -17.97
CA LEU A 60 3.53 -2.18 -18.58
C LEU A 60 2.28 -3.00 -18.23
N HIS A 61 1.76 -2.83 -17.03
CA HIS A 61 0.57 -3.56 -16.61
C HIS A 61 -0.60 -2.62 -16.41
N GLN A 62 -0.37 -1.33 -16.61
CA GLN A 62 -1.42 -0.33 -16.44
C GLN A 62 -2.20 -0.60 -15.14
N PRO A 63 -1.48 -0.85 -14.04
CA PRO A 63 -2.16 -1.12 -12.77
C PRO A 63 -3.18 -0.07 -12.38
N LYS A 64 -4.21 -0.51 -11.68
CA LYS A 64 -5.29 0.34 -11.21
C LYS A 64 -4.83 1.13 -9.99
N SER A 65 -3.86 0.60 -9.26
CA SER A 65 -3.36 1.29 -8.07
C SER A 65 -1.92 0.92 -7.76
N VAL A 66 -1.36 1.65 -6.81
CA VAL A 66 0.01 1.41 -6.36
C VAL A 66 -0.01 0.04 -5.71
N LYS A 67 -1.15 -0.29 -5.11
CA LYS A 67 -1.33 -1.58 -4.47
C LYS A 67 -1.05 -2.59 -5.57
N GLU A 68 -1.83 -2.50 -6.64
CA GLU A 68 -1.71 -3.38 -7.80
C GLU A 68 -0.29 -3.44 -8.33
N ALA A 69 0.33 -2.27 -8.46
CA ALA A 69 1.68 -2.15 -9.00
C ALA A 69 2.73 -2.92 -8.22
N LEU A 70 2.34 -3.51 -7.09
CA LEU A 70 3.27 -4.25 -6.25
C LEU A 70 3.02 -5.77 -6.23
N SER A 71 2.40 -6.29 -7.29
CA SER A 71 2.09 -7.70 -7.37
C SER A 71 3.31 -8.61 -7.55
N TYR A 72 4.37 -8.09 -8.15
CA TYR A 72 5.60 -8.87 -8.39
C TYR A 72 6.71 -8.58 -7.39
N THR A 73 6.42 -7.79 -6.37
CA THR A 73 7.42 -7.43 -5.38
C THR A 73 7.33 -8.33 -4.13
N PRO A 74 8.45 -8.96 -3.76
CA PRO A 74 8.53 -9.85 -2.60
C PRO A 74 8.31 -9.21 -1.23
N GLY A 75 7.74 -10.00 -0.32
CA GLY A 75 7.48 -9.52 1.02
C GLY A 75 6.22 -8.68 1.15
N VAL A 76 5.49 -8.54 0.06
CA VAL A 76 4.26 -7.75 0.08
C VAL A 76 3.03 -8.49 -0.40
N SER A 77 2.02 -8.54 0.45
CA SER A 77 0.76 -9.17 0.07
C SER A 77 -0.09 -7.99 -0.39
N VAL A 78 -0.96 -8.20 -1.37
CA VAL A 78 -1.76 -7.09 -1.88
C VAL A 78 -3.21 -7.51 -2.11
N GLY A 79 -3.64 -8.56 -1.43
CA GLY A 79 -5.01 -9.03 -1.58
C GLY A 79 -5.73 -8.96 -0.26
N THR A 80 -5.24 -8.12 0.64
CA THR A 80 -5.87 -7.96 1.94
C THR A 80 -7.33 -7.52 1.78
N ARG A 81 -7.70 -7.16 0.56
CA ARG A 81 -9.07 -6.72 0.28
C ARG A 81 -9.56 -7.25 -1.06
N GLY A 82 -8.77 -8.12 -1.67
CA GLY A 82 -9.17 -8.68 -2.95
C GLY A 82 -9.41 -7.60 -3.97
N ALA A 83 -10.40 -7.83 -4.83
CA ALA A 83 -10.75 -6.90 -5.91
C ALA A 83 -10.84 -5.41 -5.52
N SER A 84 -11.17 -5.12 -4.27
CA SER A 84 -11.28 -3.73 -3.81
C SER A 84 -9.99 -2.93 -3.92
N ASN A 85 -10.11 -1.66 -4.30
CA ASN A 85 -8.96 -0.76 -4.42
C ASN A 85 -9.18 0.56 -3.65
N THR A 86 -10.11 0.53 -2.72
CA THR A 86 -10.42 1.71 -1.92
C THR A 86 -9.18 2.25 -1.20
N TYR A 87 -8.29 1.35 -0.81
CA TYR A 87 -7.09 1.73 -0.08
C TYR A 87 -5.91 0.88 -0.48
N ASP A 88 -4.74 1.49 -0.50
CA ASP A 88 -3.52 0.76 -0.80
C ASP A 88 -3.01 0.27 0.55
N HIS A 89 -3.78 -0.64 1.15
CA HIS A 89 -3.44 -1.23 2.44
C HIS A 89 -2.63 -2.49 2.18
N LEU A 90 -1.38 -2.48 2.59
CA LEU A 90 -0.51 -3.62 2.38
C LEU A 90 -0.04 -4.31 3.66
N ILE A 91 0.29 -5.58 3.53
CA ILE A 91 0.85 -6.32 4.66
C ILE A 91 2.28 -6.61 4.18
N ILE A 92 3.25 -6.13 4.93
CA ILE A 92 4.64 -6.31 4.58
C ILE A 92 5.34 -7.18 5.61
N ARG A 93 5.99 -8.24 5.14
CA ARG A 93 6.70 -9.14 6.02
C ARG A 93 5.78 -9.64 7.14
N GLY A 94 4.50 -9.79 6.80
CA GLY A 94 3.53 -10.27 7.77
C GLY A 94 2.93 -9.23 8.70
N PHE A 95 3.33 -7.98 8.54
CA PHE A 95 2.80 -6.93 9.40
C PHE A 95 2.14 -5.75 8.69
N ALA A 96 1.30 -5.04 9.42
CA ALA A 96 0.60 -3.88 8.90
C ALA A 96 0.31 -2.93 10.06
N ALA A 97 0.01 -1.67 9.74
CA ALA A 97 -0.30 -0.68 10.77
C ALA A 97 -1.53 -1.16 11.55
N GLU A 98 -1.60 -0.81 12.83
CA GLU A 98 -2.72 -1.22 13.68
C GLU A 98 -3.97 -0.46 13.24
N GLY A 99 -5.12 -1.12 13.36
CA GLY A 99 -6.37 -0.49 13.00
C GLY A 99 -6.66 -0.35 11.52
N GLN A 100 -6.24 -1.33 10.72
CA GLN A 100 -6.47 -1.29 9.27
C GLN A 100 -6.04 0.02 8.64
N SER A 101 -5.01 0.62 9.20
CA SER A 101 -4.52 1.88 8.68
C SER A 101 -3.38 1.61 7.69
N GLN A 102 -3.26 2.46 6.68
CA GLN A 102 -2.18 2.33 5.72
C GLN A 102 -0.88 2.75 6.42
N ASN A 103 0.23 2.69 5.69
CA ASN A 103 1.53 3.11 6.20
C ASN A 103 2.26 3.49 4.94
N ASN A 104 1.70 4.50 4.25
CA ASN A 104 2.23 4.95 2.98
C ASN A 104 2.83 6.36 2.99
N TYR A 105 4.03 6.48 2.41
CA TYR A 105 4.74 7.76 2.32
C TYR A 105 4.78 8.25 0.87
N LEU A 106 4.81 9.57 0.73
CA LEU A 106 4.86 10.20 -0.57
C LEU A 106 5.94 11.29 -0.51
N ASN A 107 6.99 11.11 -1.32
CA ASN A 107 8.10 12.04 -1.38
C ASN A 107 8.84 12.23 -0.05
N GLY A 108 8.94 11.17 0.73
CA GLY A 108 9.65 11.24 1.99
C GLY A 108 8.84 11.69 3.19
N LEU A 109 7.57 11.99 2.96
CA LEU A 109 6.69 12.44 4.05
C LEU A 109 5.50 11.52 4.12
N LYS A 110 5.15 11.09 5.34
CA LYS A 110 4.03 10.18 5.50
C LYS A 110 2.66 10.78 5.24
N LEU A 111 1.83 10.00 4.55
CA LEU A 111 0.46 10.39 4.26
C LEU A 111 -0.34 9.87 5.45
N GLN A 112 -0.15 10.50 6.60
CA GLN A 112 -0.84 10.09 7.82
C GLN A 112 -2.34 10.17 7.70
N GLY A 113 -2.97 9.00 7.72
CA GLY A 113 -4.41 8.95 7.65
C GLY A 113 -4.91 8.50 9.00
N ASN A 114 -6.23 8.38 9.12
CA ASN A 114 -6.84 7.96 10.36
C ASN A 114 -8.26 7.50 10.09
N PHE A 115 -8.62 6.36 10.70
CA PHE A 115 -9.94 5.78 10.53
C PHE A 115 -10.15 5.53 9.03
N TYR A 116 -11.26 5.99 8.46
CA TYR A 116 -11.49 5.80 7.02
C TYR A 116 -10.81 6.88 6.21
N ASN A 117 -10.05 7.74 6.87
CA ASN A 117 -9.39 8.83 6.18
C ASN A 117 -7.94 8.52 5.79
N ASP A 118 -7.78 7.62 4.84
CA ASP A 118 -6.45 7.27 4.33
C ASP A 118 -6.49 7.70 2.87
N ALA A 119 -5.42 8.34 2.41
CA ALA A 119 -5.34 8.84 1.05
C ALA A 119 -4.59 7.91 0.10
N VAL A 120 -4.90 8.02 -1.18
CA VAL A 120 -4.23 7.21 -2.19
C VAL A 120 -3.85 8.12 -3.36
N ILE A 121 -2.69 7.86 -3.93
CA ILE A 121 -2.21 8.64 -5.07
C ILE A 121 -2.30 7.72 -6.27
N ASP A 122 -2.82 8.22 -7.38
CA ASP A 122 -2.93 7.38 -8.57
C ASP A 122 -1.54 7.06 -9.09
N PRO A 123 -1.32 5.81 -9.53
CA PRO A 123 0.01 5.46 -10.05
C PRO A 123 0.49 6.25 -11.28
N TYR A 124 -0.44 6.80 -12.04
CA TYR A 124 -0.07 7.57 -13.23
C TYR A 124 0.67 8.85 -12.88
N MSE A 125 0.53 9.29 -11.63
CA MSE A 125 1.20 10.50 -11.17
C MSE A 125 2.57 10.17 -10.58
O MSE A 125 3.29 11.07 -10.15
CB MSE A 125 0.36 11.17 -10.08
CG MSE A 125 -1.09 10.86 -10.13
SE MSE A 125 -1.95 11.59 -11.65
CE MSE A 125 -2.54 13.25 -10.90
N LEU A 126 2.90 8.88 -10.54
CA LEU A 126 4.16 8.47 -9.96
C LEU A 126 5.29 8.25 -10.95
N GLU A 127 6.51 8.34 -10.44
CA GLU A 127 7.71 8.14 -11.23
C GLU A 127 8.25 6.80 -10.75
N ARG A 128 7.95 6.48 -9.51
CA ARG A 128 8.39 5.23 -8.91
C ARG A 128 7.77 5.00 -7.53
N ALA A 129 7.43 3.75 -7.27
CA ALA A 129 6.84 3.36 -5.99
C ALA A 129 7.86 2.46 -5.34
N GLU A 130 8.29 2.82 -4.13
CA GLU A 130 9.29 2.03 -3.43
C GLU A 130 8.74 1.38 -2.17
N ILE A 131 9.30 0.22 -1.82
CA ILE A 131 8.89 -0.50 -0.64
C ILE A 131 10.13 -0.84 0.17
N MSE A 132 10.11 -0.43 1.44
CA MSE A 132 11.22 -0.69 2.36
C MSE A 132 10.73 -1.68 3.39
O MSE A 132 9.76 -1.42 4.11
CB MSE A 132 11.64 0.61 3.04
CG MSE A 132 12.89 0.52 3.87
SE MSE A 132 13.32 2.23 4.67
CE MSE A 132 13.98 1.59 6.38
N ARG A 133 11.38 -2.84 3.47
CA ARG A 133 11.02 -3.91 4.39
C ARG A 133 11.78 -3.82 5.71
N GLY A 134 11.13 -4.22 6.80
CA GLY A 134 11.78 -4.19 8.09
C GLY A 134 11.61 -2.87 8.82
N PRO A 135 12.16 -2.74 10.04
CA PRO A 135 12.06 -1.51 10.84
C PRO A 135 12.48 -0.30 10.01
N VAL A 136 11.72 0.78 10.09
CA VAL A 136 12.01 2.00 9.32
C VAL A 136 12.03 3.26 10.16
N SER A 137 11.90 3.12 11.47
CA SER A 137 11.86 4.29 12.35
C SER A 137 13.20 5.04 12.44
N VAL A 138 14.30 4.34 12.18
CA VAL A 138 15.60 4.96 12.27
C VAL A 138 15.70 6.22 11.41
N LEU A 139 14.73 6.40 10.51
CA LEU A 139 14.71 7.56 9.63
C LEU A 139 13.34 8.20 9.43
N TYR A 140 12.27 7.49 9.80
CA TYR A 140 10.92 8.03 9.61
C TYR A 140 9.99 8.13 10.82
N GLY A 141 10.44 7.69 11.99
CA GLY A 141 9.58 7.78 13.17
C GLY A 141 8.66 6.60 13.39
N LYS A 142 7.59 6.82 14.15
CA LYS A 142 6.64 5.73 14.43
C LYS A 142 6.25 5.01 13.15
N SER A 143 6.18 3.69 13.23
CA SER A 143 5.81 2.89 12.09
C SER A 143 5.67 1.43 12.41
N SER A 144 4.72 0.79 11.73
CA SER A 144 4.49 -0.63 11.86
C SER A 144 5.86 -1.27 11.61
N PRO A 145 6.13 -2.44 12.21
CA PRO A 145 7.43 -3.07 11.98
C PRO A 145 7.51 -3.62 10.56
N GLY A 146 8.74 -3.75 10.07
CA GLY A 146 8.92 -4.29 8.74
C GLY A 146 7.92 -3.87 7.68
N GLY A 147 7.92 -2.60 7.28
CA GLY A 147 6.98 -2.19 6.26
C GLY A 147 6.72 -0.71 6.04
N LEU A 148 7.12 -0.22 4.88
CA LEU A 148 6.92 1.17 4.51
C LEU A 148 6.83 1.30 2.98
N LEU A 149 5.90 2.12 2.51
CA LEU A 149 5.74 2.37 1.08
C LEU A 149 6.01 3.84 0.84
N ASN A 150 6.90 4.14 -0.09
CA ASN A 150 7.18 5.53 -0.38
C ASN A 150 7.09 5.74 -1.88
N MSE A 151 6.21 6.64 -2.30
CA MSE A 151 6.00 6.94 -3.72
C MSE A 151 6.71 8.25 -4.08
O MSE A 151 6.72 9.20 -3.30
CB MSE A 151 4.50 7.09 -4.02
CG MSE A 151 3.68 5.83 -3.82
SE MSE A 151 1.85 6.25 -3.33
CE MSE A 151 1.19 6.78 -5.05
N VAL A 152 7.29 8.30 -5.28
CA VAL A 152 7.97 9.51 -5.73
C VAL A 152 7.14 10.16 -6.84
N SER A 153 6.65 11.36 -6.58
CA SER A 153 5.85 12.07 -7.57
C SER A 153 6.67 12.29 -8.84
N LYS A 154 5.98 12.52 -9.94
CA LYS A 154 6.66 12.79 -11.20
C LYS A 154 7.14 14.23 -11.08
N ARG A 155 8.35 14.51 -11.55
CA ARG A 155 8.88 15.87 -11.49
C ARG A 155 9.03 16.38 -12.92
N PRO A 156 9.11 17.70 -13.10
CA PRO A 156 9.27 18.22 -14.45
C PRO A 156 10.41 17.48 -15.12
N THR A 157 10.22 17.09 -16.38
CA THR A 157 11.21 16.33 -17.14
C THR A 157 12.32 17.15 -17.77
N THR A 158 13.41 16.46 -18.13
CA THR A 158 14.58 17.08 -18.74
C THR A 158 14.32 17.50 -20.18
N GLU A 159 13.33 16.91 -20.82
CA GLU A 159 12.99 17.23 -22.19
C GLU A 159 11.47 17.38 -22.32
N PRO A 160 11.00 18.08 -23.36
CA PRO A 160 9.56 18.25 -23.52
C PRO A 160 8.82 16.92 -23.52
N LEU A 161 7.61 16.94 -22.97
CA LEU A 161 6.77 15.76 -22.92
C LEU A 161 5.33 16.20 -23.08
N LYS A 162 4.66 15.67 -24.10
CA LYS A 162 3.26 15.99 -24.35
C LYS A 162 2.57 14.65 -24.59
N GLU A 163 1.99 14.11 -23.53
CA GLU A 163 1.32 12.82 -23.61
C GLU A 163 -0.18 12.85 -23.34
N VAL A 164 -0.90 12.06 -24.12
CA VAL A 164 -2.34 11.92 -23.97
C VAL A 164 -2.60 10.42 -23.96
N GLN A 165 -3.33 9.94 -22.97
CA GLN A 165 -3.62 8.53 -22.85
C GLN A 165 -5.12 8.24 -22.86
N PHE A 166 -5.48 7.11 -23.43
CA PHE A 166 -6.88 6.70 -23.50
C PHE A 166 -7.01 5.24 -23.15
N LYS A 167 -7.90 4.96 -22.20
CA LYS A 167 -8.16 3.60 -21.75
C LYS A 167 -9.61 3.24 -21.94
N ALA A 168 -9.86 1.96 -22.15
CA ALA A 168 -11.21 1.44 -22.31
C ALA A 168 -11.12 -0.04 -22.01
N GLY A 169 -11.99 -0.54 -21.14
CA GLY A 169 -11.91 -1.95 -20.82
C GLY A 169 -13.16 -2.61 -20.25
N THR A 170 -12.93 -3.72 -19.55
CA THR A 170 -13.98 -4.51 -18.95
C THR A 170 -14.78 -3.69 -17.93
N ASP A 171 -15.96 -4.19 -17.60
CA ASP A 171 -16.84 -3.54 -16.65
C ASP A 171 -16.92 -2.03 -16.87
N SER A 172 -17.01 -1.66 -18.14
CA SER A 172 -17.11 -0.28 -18.58
C SER A 172 -16.01 0.67 -18.09
N LEU A 173 -14.76 0.28 -18.28
CA LEU A 173 -13.65 1.13 -17.88
C LEU A 173 -13.33 2.16 -18.96
N PHE A 174 -13.37 3.43 -18.57
CA PHE A 174 -13.07 4.53 -19.48
C PHE A 174 -12.16 5.51 -18.76
N GLN A 175 -10.97 5.72 -19.31
CA GLN A 175 -10.03 6.64 -18.71
C GLN A 175 -9.28 7.49 -19.73
N THR A 176 -9.25 8.78 -19.45
CA THR A 176 -8.57 9.74 -20.30
C THR A 176 -7.64 10.55 -19.39
N GLY A 177 -6.35 10.55 -19.73
CA GLY A 177 -5.39 11.28 -18.93
C GLY A 177 -4.26 11.87 -19.75
N PHE A 178 -3.67 12.94 -19.25
CA PHE A 178 -2.56 13.61 -19.93
C PHE A 178 -1.37 13.78 -18.98
N ASP A 179 -0.20 13.98 -19.56
CA ASP A 179 1.03 14.18 -18.79
C ASP A 179 1.99 15.06 -19.59
N PHE A 180 1.97 16.36 -19.30
CA PHE A 180 2.82 17.32 -20.00
C PHE A 180 3.89 17.97 -19.13
N SER A 181 5.04 18.20 -19.72
CA SER A 181 6.15 18.81 -19.00
C SER A 181 7.10 19.53 -19.96
N ASP A 182 7.30 20.82 -19.72
CA ASP A 182 8.20 21.60 -20.54
C ASP A 182 8.83 22.70 -19.69
N SER A 183 9.81 23.39 -20.26
CA SER A 183 10.49 24.47 -19.56
C SER A 183 9.93 25.79 -20.08
N LEU A 184 9.89 26.80 -19.21
CA LEU A 184 9.38 28.11 -19.59
C LEU A 184 10.46 28.93 -20.29
N ASP A 185 11.72 28.65 -19.95
CA ASP A 185 12.84 29.36 -20.55
C ASP A 185 13.77 28.37 -21.22
N ASP A 186 14.72 28.87 -22.02
CA ASP A 186 15.64 28.00 -22.73
C ASP A 186 16.75 27.42 -21.85
N ASP A 187 16.92 27.97 -20.66
CA ASP A 187 17.98 27.47 -19.78
C ASP A 187 17.48 26.43 -18.78
N GLY A 188 16.18 26.20 -18.77
CA GLY A 188 15.62 25.21 -17.87
C GLY A 188 15.62 25.63 -16.41
N VAL A 189 15.62 26.94 -16.17
CA VAL A 189 15.60 27.43 -14.80
C VAL A 189 14.16 27.33 -14.31
N TYR A 190 13.22 27.43 -15.24
CA TYR A 190 11.80 27.33 -14.93
C TYR A 190 11.15 26.24 -15.78
N SER A 191 10.68 25.19 -15.11
CA SER A 191 10.02 24.09 -15.80
C SER A 191 8.79 23.65 -14.99
N TYR A 192 7.89 22.91 -15.63
CA TYR A 192 6.68 22.45 -14.97
C TYR A 192 6.30 21.06 -15.45
N ARG A 193 5.23 20.54 -14.86
CA ARG A 193 4.68 19.25 -15.25
C ARG A 193 3.27 19.18 -14.72
N LEU A 194 2.32 18.94 -15.61
CA LEU A 194 0.93 18.83 -15.23
C LEU A 194 0.46 17.44 -15.59
N THR A 195 0.10 16.65 -14.58
CA THR A 195 -0.37 15.29 -14.81
C THR A 195 -1.81 15.20 -14.34
N GLY A 196 -2.69 14.66 -15.18
CA GLY A 196 -4.08 14.56 -14.78
C GLY A 196 -4.80 13.39 -15.43
N LEU A 197 -5.95 13.02 -14.87
CA LEU A 197 -6.70 11.92 -15.42
C LEU A 197 -8.13 11.88 -14.93
N ALA A 198 -8.98 11.26 -15.75
CA ALA A 198 -10.39 11.10 -15.44
C ALA A 198 -10.65 9.63 -15.69
N ARG A 199 -11.12 8.95 -14.66
CA ARG A 199 -11.38 7.52 -14.77
C ARG A 199 -12.74 7.14 -14.22
N SER A 200 -13.41 6.23 -14.93
CA SER A 200 -14.73 5.75 -14.54
C SER A 200 -14.83 4.27 -14.86
N ALA A 201 -15.53 3.52 -14.02
CA ALA A 201 -15.71 2.10 -14.23
C ALA A 201 -16.69 1.49 -13.24
N ASN A 202 -17.15 0.28 -13.56
CA ASN A 202 -18.06 -0.44 -12.69
C ASN A 202 -17.22 -1.40 -11.90
N ALA A 203 -17.52 -1.56 -10.61
CA ALA A 203 -16.75 -2.49 -9.77
C ALA A 203 -17.09 -3.93 -10.14
N GLN A 204 -16.37 -4.88 -9.56
CA GLN A 204 -16.62 -6.28 -9.84
C GLN A 204 -18.01 -6.63 -9.28
N GLN A 205 -18.29 -6.11 -8.09
CA GLN A 205 -19.56 -6.34 -7.40
C GLN A 205 -20.68 -5.50 -7.99
N LYS A 206 -21.79 -6.16 -8.33
CA LYS A 206 -22.95 -5.49 -8.92
C LYS A 206 -23.42 -4.29 -8.13
N GLY A 207 -23.70 -3.21 -8.86
CA GLY A 207 -24.19 -2.00 -8.24
C GLY A 207 -23.13 -0.97 -7.88
N SER A 208 -21.90 -1.42 -7.66
CA SER A 208 -20.83 -0.50 -7.28
C SER A 208 -20.00 0.11 -8.40
N GLU A 209 -19.73 1.41 -8.25
CA GLU A 209 -18.96 2.15 -9.24
C GLU A 209 -17.67 2.75 -8.67
N GLU A 210 -16.78 3.10 -9.58
CA GLU A 210 -15.49 3.71 -9.26
C GLU A 210 -15.34 4.94 -10.15
N GLN A 211 -15.10 6.08 -9.52
CA GLN A 211 -14.91 7.32 -10.26
C GLN A 211 -13.72 8.04 -9.67
N ARG A 212 -12.87 8.58 -10.52
CA ARG A 212 -11.71 9.31 -10.04
C ARG A 212 -11.28 10.43 -10.96
N TYR A 213 -11.09 11.61 -10.38
CA TYR A 213 -10.63 12.77 -11.11
C TYR A 213 -9.43 13.23 -10.29
N ALA A 214 -8.29 13.37 -10.94
CA ALA A 214 -7.10 13.80 -10.23
C ALA A 214 -6.16 14.56 -11.15
N ILE A 215 -5.49 15.54 -10.59
CA ILE A 215 -4.53 16.35 -11.35
C ILE A 215 -3.35 16.70 -10.43
N ALA A 216 -2.15 16.57 -10.96
CA ALA A 216 -0.93 16.85 -10.22
C ALA A 216 -0.11 17.98 -10.81
N PRO A 217 -0.25 19.20 -10.27
CA PRO A 217 0.48 20.38 -10.74
C PRO A 217 1.87 20.36 -10.09
N ALA A 218 2.92 20.49 -10.88
CA ALA A 218 4.29 20.51 -10.37
C ALA A 218 5.11 21.61 -11.04
N PHE A 219 5.96 22.27 -10.26
CA PHE A 219 6.78 23.35 -10.79
C PHE A 219 8.18 23.25 -10.22
N THR A 220 9.18 23.35 -11.09
CA THR A 220 10.57 23.27 -10.66
C THR A 220 11.35 24.55 -10.98
N TRP A 221 12.09 25.02 -9.98
CA TRP A 221 12.89 26.22 -10.12
C TRP A 221 14.34 25.88 -9.82
N ARG A 222 15.19 26.07 -10.82
CA ARG A 222 16.62 25.79 -10.70
C ARG A 222 17.41 27.08 -10.90
N PRO A 223 17.55 27.91 -9.84
CA PRO A 223 18.29 29.16 -9.96
C PRO A 223 19.68 28.92 -10.53
N ASP A 224 20.20 27.72 -10.27
CA ASP A 224 21.52 27.33 -10.71
C ASP A 224 21.63 25.81 -10.66
N ASP A 225 22.85 25.30 -10.74
CA ASP A 225 23.09 23.86 -10.72
C ASP A 225 23.36 23.29 -9.32
N LYS A 226 23.02 24.06 -8.29
CA LYS A 226 23.21 23.59 -6.92
C LYS A 226 21.97 23.89 -6.09
N THR A 227 20.93 24.38 -6.75
CA THR A 227 19.69 24.71 -6.08
C THR A 227 18.48 24.23 -6.86
N ASN A 228 17.57 23.56 -6.16
CA ASN A 228 16.35 23.04 -6.77
C ASN A 228 15.18 23.10 -5.81
N PHE A 229 14.17 23.89 -6.18
CA PHE A 229 12.96 24.00 -5.38
C PHE A 229 11.85 23.46 -6.25
N THR A 230 11.23 22.35 -5.84
CA THR A 230 10.16 21.78 -6.65
C THR A 230 8.83 21.69 -5.94
N PHE A 231 7.90 22.52 -6.39
CA PHE A 231 6.54 22.58 -5.86
C PHE A 231 5.78 21.37 -6.36
N LEU A 232 5.31 20.55 -5.43
CA LEU A 232 4.57 19.34 -5.74
C LEU A 232 3.16 19.39 -5.15
N SER A 233 2.16 19.22 -5.99
CA SER A 233 0.78 19.25 -5.52
C SER A 233 -0.04 18.11 -6.14
N TYR A 234 -1.10 17.74 -5.44
CA TYR A 234 -1.99 16.69 -5.88
C TYR A 234 -3.41 17.00 -5.41
N PHE A 235 -4.34 17.07 -6.37
CA PHE A 235 -5.74 17.33 -6.05
C PHE A 235 -6.52 16.18 -6.66
N GLN A 236 -7.31 15.50 -5.84
CA GLN A 236 -8.10 14.37 -6.31
C GLN A 236 -9.47 14.30 -5.67
N ASN A 237 -10.46 14.00 -6.50
CA ASN A 237 -11.85 13.89 -6.07
C ASN A 237 -12.45 12.57 -6.57
N GLU A 238 -12.92 11.75 -5.65
CA GLU A 238 -13.52 10.46 -5.98
C GLU A 238 -14.96 10.37 -5.48
N PRO A 239 -15.95 10.61 -6.35
CA PRO A 239 -17.37 10.54 -6.00
C PRO A 239 -17.75 9.17 -5.42
N GLU A 240 -17.36 8.11 -6.12
CA GLU A 240 -17.63 6.75 -5.65
C GLU A 240 -16.33 5.96 -5.69
N THR A 241 -15.94 5.42 -4.55
CA THR A 241 -14.70 4.63 -4.45
C THR A 241 -14.91 3.13 -4.69
N GLY A 242 -16.16 2.66 -4.60
CA GLY A 242 -16.44 1.25 -4.84
C GLY A 242 -16.77 0.34 -3.67
N TYR A 243 -16.60 -0.96 -3.91
CA TYR A 243 -16.89 -2.00 -2.92
C TYR A 243 -15.90 -2.06 -1.76
N TYR A 244 -16.42 -2.27 -0.55
CA TYR A 244 -15.59 -2.38 0.64
C TYR A 244 -16.30 -3.22 1.69
N GLY A 245 -17.10 -4.17 1.22
CA GLY A 245 -17.84 -5.01 2.14
C GLY A 245 -17.17 -6.31 2.51
N TRP A 246 -17.80 -7.04 3.41
CA TRP A 246 -17.29 -8.34 3.87
C TRP A 246 -18.26 -9.45 3.42
N LEU A 247 -17.70 -10.59 3.08
CA LEU A 247 -18.49 -11.76 2.68
C LEU A 247 -18.09 -12.92 3.57
N PRO A 248 -19.06 -13.75 3.97
CA PRO A 248 -18.79 -14.89 4.83
C PRO A 248 -17.92 -15.91 4.11
N LYS A 249 -17.19 -16.72 4.87
CA LYS A 249 -16.35 -17.74 4.25
C LYS A 249 -17.32 -18.74 3.65
N GLU A 250 -18.54 -18.73 4.18
CA GLU A 250 -19.61 -19.62 3.73
C GLU A 250 -20.27 -19.02 2.49
N GLY A 251 -19.87 -19.54 1.33
CA GLY A 251 -20.42 -19.03 0.08
C GLY A 251 -19.28 -18.54 -0.78
N THR A 252 -18.08 -18.48 -0.18
CA THR A 252 -16.89 -18.03 -0.87
C THR A 252 -15.80 -19.10 -0.78
N VAL A 253 -15.14 -19.18 0.37
CA VAL A 253 -14.10 -20.18 0.58
C VAL A 253 -14.72 -21.56 0.73
N GLU A 254 -15.80 -21.61 1.52
CA GLU A 254 -16.52 -22.84 1.80
C GLU A 254 -17.90 -22.81 1.15
N PRO A 255 -18.45 -23.99 0.83
CA PRO A 255 -19.77 -24.04 0.20
C PRO A 255 -20.88 -23.68 1.16
N LEU A 256 -21.99 -23.19 0.61
CA LEU A 256 -23.16 -22.85 1.41
C LEU A 256 -23.91 -24.18 1.60
N PRO A 257 -24.90 -24.22 2.52
CA PRO A 257 -25.66 -25.45 2.75
C PRO A 257 -26.12 -26.11 1.46
N ASN A 258 -26.73 -25.31 0.59
CA ASN A 258 -27.20 -25.81 -0.69
C ASN A 258 -26.05 -26.23 -1.58
N GLY A 259 -24.88 -26.43 -0.97
CA GLY A 259 -23.69 -26.85 -1.70
C GLY A 259 -23.18 -25.89 -2.76
N LYS A 260 -23.78 -24.70 -2.85
CA LYS A 260 -23.34 -23.73 -3.85
C LYS A 260 -22.58 -22.55 -3.22
N ARG A 261 -22.04 -21.68 -4.07
CA ARG A 261 -21.29 -20.51 -3.62
C ARG A 261 -21.83 -19.22 -4.19
N LEU A 262 -21.39 -18.10 -3.61
CA LEU A 262 -21.80 -16.79 -4.07
C LEU A 262 -20.92 -16.42 -5.25
N PRO A 263 -21.51 -15.89 -6.33
CA PRO A 263 -20.68 -15.51 -7.48
C PRO A 263 -19.72 -14.38 -7.11
N THR A 264 -18.54 -14.38 -7.72
CA THR A 264 -17.51 -13.37 -7.47
C THR A 264 -17.99 -11.94 -7.63
N ASP A 265 -19.14 -11.74 -8.26
CA ASP A 265 -19.66 -10.40 -8.45
C ASP A 265 -20.77 -10.09 -7.44
N PHE A 266 -20.97 -10.99 -6.50
CA PHE A 266 -22.01 -10.81 -5.49
C PHE A 266 -21.77 -9.57 -4.65
N ASN A 267 -22.85 -8.86 -4.35
CA ASN A 267 -22.77 -7.64 -3.56
C ASN A 267 -23.79 -7.70 -2.43
N GLU A 268 -23.31 -7.72 -1.18
CA GLU A 268 -24.23 -7.78 -0.06
C GLU A 268 -24.52 -6.43 0.54
N GLY A 269 -24.23 -5.37 -0.21
CA GLY A 269 -24.49 -4.04 0.29
C GLY A 269 -25.78 -3.45 -0.23
N ALA A 270 -26.29 -2.45 0.48
CA ALA A 270 -27.53 -1.78 0.07
C ALA A 270 -27.33 -1.21 -1.33
N LYS A 271 -28.37 -1.32 -2.14
CA LYS A 271 -28.32 -0.80 -3.51
C LYS A 271 -27.90 0.66 -3.52
N ASN A 272 -28.16 1.36 -2.43
CA ASN A 272 -27.85 2.78 -2.31
C ASN A 272 -26.59 3.05 -1.49
N ASN A 273 -25.65 2.11 -1.50
CA ASN A 273 -24.41 2.29 -0.76
C ASN A 273 -23.57 3.35 -1.49
N THR A 274 -22.90 4.22 -0.73
CA THR A 274 -22.08 5.25 -1.35
C THR A 274 -20.80 5.45 -0.53
N TYR A 275 -19.70 5.70 -1.23
CA TYR A 275 -18.39 5.88 -0.59
C TYR A 275 -17.60 6.90 -1.41
N SER A 276 -17.17 7.99 -0.77
CA SER A 276 -16.40 9.01 -1.48
C SER A 276 -15.21 9.49 -0.66
N ARG A 277 -14.25 10.11 -1.36
CA ARG A 277 -13.05 10.63 -0.72
C ARG A 277 -12.54 11.84 -1.49
N ASN A 278 -12.07 12.84 -0.76
CA ASN A 278 -11.56 14.06 -1.40
C ASN A 278 -10.15 14.33 -0.88
N GLU A 279 -9.24 14.65 -1.78
CA GLU A 279 -7.85 14.89 -1.41
C GLU A 279 -7.24 16.16 -2.00
N LYS A 280 -6.61 16.96 -1.15
CA LYS A 280 -5.95 18.19 -1.58
C LYS A 280 -4.66 18.35 -0.78
N MSE A 281 -3.55 18.54 -1.49
CA MSE A 281 -2.26 18.70 -0.83
C MSE A 281 -1.30 19.55 -1.66
O MSE A 281 -1.24 19.44 -2.89
CB MSE A 281 -1.63 17.32 -0.57
CG MSE A 281 -1.49 16.40 -1.79
SE MSE A 281 -1.14 14.52 -1.35
CE MSE A 281 -2.95 13.97 -1.08
N VAL A 282 -0.56 20.42 -0.98
CA VAL A 282 0.42 21.29 -1.63
C VAL A 282 1.69 21.25 -0.81
N GLY A 283 2.83 21.24 -1.50
CA GLY A 283 4.10 21.17 -0.81
C GLY A 283 5.29 21.34 -1.73
N TYR A 284 6.45 20.87 -1.29
CA TYR A 284 7.66 20.99 -2.10
C TYR A 284 8.80 20.11 -1.64
N SER A 285 9.76 19.94 -2.54
CA SER A 285 10.95 19.17 -2.26
C SER A 285 12.08 20.12 -2.63
N PHE A 286 12.80 20.59 -1.63
CA PHE A 286 13.88 21.54 -1.87
C PHE A 286 15.25 20.97 -1.55
N ASP A 287 16.24 21.41 -2.32
CA ASP A 287 17.61 20.98 -2.09
C ASP A 287 18.54 22.10 -2.56
N HIS A 288 19.62 22.29 -1.83
CA HIS A 288 20.60 23.30 -2.18
C HIS A 288 21.96 22.80 -1.77
N GLU A 289 22.94 23.02 -2.64
CA GLU A 289 24.30 22.61 -2.37
C GLU A 289 25.12 23.87 -2.10
N PHE A 290 25.54 24.03 -0.85
CA PHE A 290 26.31 25.19 -0.46
C PHE A 290 27.75 25.11 -0.96
N ASN A 291 28.42 24.02 -0.64
CA ASN A 291 29.81 23.84 -1.05
C ASN A 291 30.12 22.38 -1.35
N ASP A 292 31.38 22.00 -1.15
CA ASP A 292 31.85 20.64 -1.42
C ASP A 292 31.54 19.66 -0.30
N THR A 293 30.96 20.11 0.80
CA THR A 293 30.69 19.20 1.91
C THR A 293 29.33 19.40 2.61
N PHE A 294 28.59 20.44 2.22
CA PHE A 294 27.29 20.70 2.83
C PHE A 294 26.15 20.92 1.83
N THR A 295 25.16 20.03 1.88
CA THR A 295 23.99 20.14 1.01
C THR A 295 22.76 20.10 1.92
N VAL A 296 21.84 21.03 1.72
CA VAL A 296 20.64 21.06 2.54
C VAL A 296 19.43 20.68 1.70
N ARG A 297 18.55 19.88 2.28
CA ARG A 297 17.34 19.49 1.57
C ARG A 297 16.16 19.46 2.53
N GLN A 298 15.02 19.98 2.07
CA GLN A 298 13.83 20.00 2.90
C GLN A 298 12.58 19.61 2.09
N ASN A 299 11.80 18.69 2.64
CA ASN A 299 10.56 18.23 2.01
C ASN A 299 9.39 18.65 2.88
N LEU A 300 8.44 19.37 2.29
CA LEU A 300 7.28 19.83 3.03
C LEU A 300 5.96 19.61 2.30
N ARG A 301 4.93 19.27 3.05
CA ARG A 301 3.62 19.06 2.45
C ARG A 301 2.54 19.30 3.47
N PHE A 302 1.44 19.86 2.99
CA PHE A 302 0.26 20.10 3.80
C PHE A 302 -0.89 19.51 3.02
N ALA A 303 -1.76 18.78 3.71
CA ALA A 303 -2.88 18.17 3.02
C ALA A 303 -4.17 18.20 3.83
N GLU A 304 -5.29 18.31 3.13
CA GLU A 304 -6.59 18.27 3.76
C GLU A 304 -7.37 17.26 2.96
N ASN A 305 -7.70 16.14 3.58
CA ASN A 305 -8.46 15.11 2.89
C ASN A 305 -9.77 14.81 3.60
N LYS A 306 -10.78 14.44 2.80
CA LYS A 306 -12.09 14.11 3.34
C LYS A 306 -12.60 12.82 2.73
N THR A 307 -13.52 12.18 3.43
CA THR A 307 -14.15 10.96 2.99
C THR A 307 -15.46 10.82 3.76
N SER A 308 -16.49 10.33 3.08
CA SER A 308 -17.79 10.12 3.71
C SER A 308 -18.37 8.84 3.14
N GLN A 309 -19.32 8.23 3.84
CA GLN A 309 -19.91 7.00 3.34
C GLN A 309 -21.21 6.53 3.98
N ASN A 310 -22.04 5.90 3.15
CA ASN A 310 -23.30 5.31 3.56
C ASN A 310 -23.06 3.87 3.14
N SER A 311 -22.72 3.02 4.11
CA SER A 311 -22.44 1.64 3.77
C SER A 311 -23.03 0.53 4.62
N VAL A 312 -23.64 -0.43 3.92
CA VAL A 312 -24.20 -1.60 4.56
C VAL A 312 -23.21 -2.69 4.20
N TYR A 313 -22.42 -3.13 5.19
CA TYR A 313 -21.45 -4.18 4.95
C TYR A 313 -22.01 -5.45 5.55
N GLY A 314 -21.45 -6.59 5.15
CA GLY A 314 -21.95 -7.83 5.66
C GLY A 314 -21.18 -8.38 6.84
N TYR A 315 -21.91 -8.99 7.76
CA TYR A 315 -21.29 -9.62 8.91
C TYR A 315 -21.34 -11.10 8.58
N GLY A 316 -21.00 -11.98 9.50
CA GLY A 316 -21.03 -13.39 9.16
C GLY A 316 -22.40 -13.91 8.79
N VAL A 317 -22.50 -15.21 8.53
CA VAL A 317 -23.80 -15.81 8.20
C VAL A 317 -24.45 -15.95 9.57
N CYS A 318 -25.77 -15.92 9.61
CA CYS A 318 -26.53 -16.01 10.86
C CYS A 318 -26.10 -17.09 11.86
N SER A 319 -25.35 -18.07 11.39
CA SER A 319 -24.89 -19.13 12.28
C SER A 319 -23.45 -18.92 12.71
N ASP A 320 -22.91 -17.75 12.39
CA ASP A 320 -21.52 -17.42 12.72
C ASP A 320 -21.43 -16.95 14.17
N PRO A 321 -20.41 -17.43 14.91
CA PRO A 321 -20.23 -17.04 16.31
C PRO A 321 -20.47 -15.54 16.52
N ALA A 322 -20.10 -14.75 15.52
CA ALA A 322 -20.25 -13.30 15.57
C ALA A 322 -21.69 -12.89 15.81
N ASN A 323 -22.60 -13.45 15.02
CA ASN A 323 -24.02 -13.13 15.13
C ASN A 323 -24.76 -13.89 16.22
N ALA A 324 -24.00 -14.43 17.19
CA ALA A 324 -24.58 -15.18 18.29
C ALA A 324 -25.70 -14.42 18.99
N TYR A 325 -25.45 -13.16 19.32
CA TYR A 325 -26.42 -12.33 20.02
C TYR A 325 -27.39 -11.57 19.10
N SER A 326 -27.55 -12.03 17.87
CA SER A 326 -28.46 -11.35 16.95
C SER A 326 -29.86 -11.93 16.99
N LYS A 327 -30.82 -11.10 17.38
CA LYS A 327 -32.21 -11.53 17.45
C LYS A 327 -32.67 -12.01 16.08
N GLN A 328 -32.61 -11.12 15.09
CA GLN A 328 -33.01 -11.46 13.73
C GLN A 328 -32.54 -12.86 13.34
N CYS A 329 -31.31 -13.19 13.74
CA CYS A 329 -30.72 -14.49 13.45
C CYS A 329 -31.34 -15.61 14.26
N ALA A 330 -31.52 -15.37 15.56
CA ALA A 330 -32.11 -16.35 16.44
C ALA A 330 -33.63 -16.42 16.28
N ALA A 331 -34.08 -16.21 15.06
CA ALA A 331 -35.50 -16.25 14.73
C ALA A 331 -35.68 -17.11 13.48
N LEU A 332 -34.68 -17.94 13.20
CA LEU A 332 -34.68 -18.82 12.03
C LEU A 332 -34.47 -20.26 12.50
N ALA A 333 -35.01 -21.21 11.75
CA ALA A 333 -34.86 -22.62 12.09
C ALA A 333 -33.37 -22.94 12.20
N PRO A 334 -32.92 -23.40 13.38
CA PRO A 334 -31.53 -23.75 13.68
C PRO A 334 -30.64 -24.25 12.53
N ALA A 335 -31.25 -24.93 11.57
CA ALA A 335 -30.49 -25.45 10.43
C ALA A 335 -30.63 -24.53 9.22
N ASP A 336 -30.94 -23.26 9.48
CA ASP A 336 -31.11 -22.26 8.43
C ASP A 336 -30.26 -21.03 8.74
N LYS A 337 -29.77 -20.96 9.97
CA LYS A 337 -28.93 -19.84 10.40
C LYS A 337 -27.65 -19.80 9.56
N GLY A 338 -27.34 -20.91 8.90
CA GLY A 338 -26.14 -20.99 8.10
C GLY A 338 -26.26 -20.70 6.61
N HIS A 339 -27.32 -19.99 6.21
CA HIS A 339 -27.48 -19.65 4.80
C HIS A 339 -28.18 -18.30 4.67
N TYR A 340 -28.17 -17.56 5.76
CA TYR A 340 -28.75 -16.22 5.83
C TYR A 340 -27.60 -15.32 6.28
N LEU A 341 -27.45 -14.18 5.60
CA LEU A 341 -26.37 -13.26 5.93
C LEU A 341 -26.77 -12.10 6.83
N ALA A 342 -26.02 -11.94 7.92
CA ALA A 342 -26.27 -10.84 8.85
C ALA A 342 -25.54 -9.62 8.30
N ARG A 343 -26.07 -8.43 8.56
CA ARG A 343 -25.42 -7.22 8.05
C ARG A 343 -25.52 -6.09 9.04
N LYS A 344 -24.66 -5.10 8.85
CA LYS A 344 -24.63 -3.91 9.71
C LYS A 344 -24.35 -2.75 8.78
N TYR A 345 -24.08 -1.59 9.35
CA TYR A 345 -23.81 -0.45 8.50
C TYR A 345 -22.95 0.60 9.19
N VAL A 346 -22.69 1.67 8.46
CA VAL A 346 -21.91 2.76 8.99
C VAL A 346 -22.04 3.96 8.07
N VAL A 347 -22.36 5.10 8.68
CA VAL A 347 -22.48 6.36 7.96
C VAL A 347 -21.28 7.11 8.47
N ASP A 348 -20.44 7.59 7.56
CA ASP A 348 -19.24 8.28 7.97
C ASP A 348 -19.02 9.58 7.25
N ASP A 349 -18.24 10.46 7.87
CA ASP A 349 -17.91 11.75 7.30
C ASP A 349 -16.72 12.26 8.11
N GLU A 350 -15.56 12.33 7.46
CA GLU A 350 -14.36 12.76 8.14
C GLU A 350 -13.62 13.83 7.36
N LYS A 351 -12.73 14.53 8.05
CA LYS A 351 -11.95 15.58 7.43
C LYS A 351 -10.69 15.80 8.24
N LEU A 352 -9.53 15.53 7.65
CA LEU A 352 -8.29 15.74 8.38
C LEU A 352 -7.34 16.65 7.62
N GLN A 353 -6.43 17.25 8.37
CA GLN A 353 -5.41 18.11 7.79
C GLN A 353 -4.12 17.43 8.22
N ASN A 354 -3.14 17.43 7.32
CA ASN A 354 -1.87 16.79 7.59
C ASN A 354 -0.73 17.69 7.18
N PHE A 355 0.09 18.08 8.14
CA PHE A 355 1.24 18.92 7.83
C PHE A 355 2.51 18.15 8.17
N SER A 356 3.46 18.18 7.25
CA SER A 356 4.72 17.47 7.46
C SER A 356 5.89 18.20 6.83
N VAL A 357 7.02 18.23 7.53
CA VAL A 357 8.25 18.87 7.03
C VAL A 357 9.44 18.13 7.58
N ASP A 358 10.36 17.80 6.68
CA ASP A 358 11.58 17.11 7.05
C ASP A 358 12.73 17.96 6.52
N THR A 359 13.62 18.35 7.43
CA THR A 359 14.77 19.16 7.07
C THR A 359 16.00 18.35 7.40
N GLN A 360 16.97 18.35 6.49
CA GLN A 360 18.17 17.57 6.73
C GLN A 360 19.44 18.15 6.11
N LEU A 361 20.55 17.97 6.82
CA LEU A 361 21.85 18.45 6.37
C LEU A 361 22.73 17.25 6.11
N GLN A 362 23.27 17.20 4.91
CA GLN A 362 24.14 16.11 4.49
C GLN A 362 25.58 16.61 4.45
N SER A 363 26.39 16.12 5.38
CA SER A 363 27.79 16.52 5.48
C SER A 363 28.72 15.49 4.86
N LYS A 364 29.52 15.92 3.90
CA LYS A 364 30.45 15.04 3.21
C LYS A 364 31.89 15.38 3.59
N PHE A 365 32.55 14.48 4.32
CA PHE A 365 33.93 14.72 4.71
C PHE A 365 34.71 13.41 4.83
N ALA A 366 36.01 13.51 5.09
CA ALA A 366 36.85 12.31 5.21
C ALA A 366 37.58 12.16 6.54
N THR A 367 38.13 10.96 6.71
CA THR A 367 38.88 10.59 7.90
C THR A 367 39.82 9.48 7.46
N GLY A 368 41.04 9.85 7.10
CA GLY A 368 42.01 8.86 6.66
C GLY A 368 41.45 8.18 5.42
N ASP A 369 41.53 6.86 5.39
CA ASP A 369 41.01 6.10 4.25
C ASP A 369 39.50 5.90 4.38
N ILE A 370 38.88 6.70 5.24
CA ILE A 370 37.45 6.60 5.47
C ILE A 370 36.69 7.84 5.00
N ASP A 371 35.82 7.65 4.02
CA ASP A 371 35.02 8.76 3.51
C ASP A 371 33.67 8.72 4.22
N HIS A 372 33.18 9.89 4.62
CA HIS A 372 31.91 9.95 5.33
C HIS A 372 30.79 10.68 4.61
N THR A 373 29.57 10.24 4.88
CA THR A 373 28.36 10.82 4.34
C THR A 373 27.47 10.91 5.56
N LEU A 374 27.56 12.04 6.28
CA LEU A 374 26.78 12.23 7.50
C LEU A 374 25.48 12.98 7.32
N LEU A 375 24.40 12.33 7.70
CA LEU A 375 23.06 12.93 7.61
C LEU A 375 22.58 13.24 9.03
N THR A 376 22.07 14.45 9.21
CA THR A 376 21.55 14.86 10.50
C THR A 376 20.35 15.75 10.21
N GLY A 377 19.18 15.39 10.70
CA GLY A 377 18.01 16.20 10.44
C GLY A 377 16.85 16.04 11.41
N VAL A 378 15.90 16.97 11.34
CA VAL A 378 14.73 16.92 12.19
C VAL A 378 13.48 16.73 11.34
N ASP A 379 12.58 15.88 11.82
CA ASP A 379 11.36 15.54 11.13
C ASP A 379 10.15 15.92 11.98
N PHE A 380 9.20 16.63 11.38
CA PHE A 380 8.00 17.05 12.10
C PHE A 380 6.71 16.82 11.31
N MSE A 381 5.67 16.44 12.03
CA MSE A 381 4.36 16.21 11.42
C MSE A 381 3.26 16.43 12.45
O MSE A 381 3.47 16.22 13.65
CB MSE A 381 4.24 14.77 10.87
CG MSE A 381 3.99 13.63 11.89
SE MSE A 381 2.14 13.33 12.51
CE MSE A 381 1.19 13.83 10.92
N ARG A 382 2.11 16.87 11.96
CA ARG A 382 0.96 17.07 12.82
C ARG A 382 -0.24 16.65 11.99
N MSE A 383 -1.09 15.81 12.58
CA MSE A 383 -2.27 15.32 11.89
C MSE A 383 -3.47 15.49 12.79
O MSE A 383 -3.42 15.18 13.99
CB MSE A 383 -2.10 13.84 11.52
CG MSE A 383 -3.19 13.26 10.65
SE MSE A 383 -4.53 12.25 11.63
CE MSE A 383 -3.38 10.86 12.26
N ARG A 384 -4.54 16.01 12.22
CA ARG A 384 -5.78 16.22 12.95
C ARG A 384 -6.89 15.66 12.08
N ASN A 385 -7.69 14.75 12.63
CA ASN A 385 -8.79 14.17 11.89
C ASN A 385 -10.07 14.17 12.72
N ASP A 386 -11.09 14.83 12.20
CA ASP A 386 -12.38 14.95 12.86
C ASP A 386 -13.35 13.94 12.23
N ILE A 387 -13.80 12.99 13.05
CA ILE A 387 -14.71 11.94 12.59
C ILE A 387 -16.11 12.09 13.18
N ASN A 388 -17.13 11.95 12.33
CA ASN A 388 -18.52 12.03 12.73
C ASN A 388 -19.28 10.93 12.01
N ALA A 389 -19.36 9.76 12.63
CA ALA A 389 -20.03 8.63 12.00
C ALA A 389 -21.10 8.01 12.88
N TRP A 390 -21.81 7.05 12.29
CA TRP A 390 -22.87 6.32 12.96
C TRP A 390 -22.76 4.85 12.57
N PHE A 391 -22.67 3.98 13.57
CA PHE A 391 -22.54 2.54 13.33
C PHE A 391 -23.77 1.71 13.74
N GLY A 392 -24.19 0.83 12.85
CA GLY A 392 -25.31 -0.04 13.15
C GLY A 392 -24.77 -1.26 13.88
N TYR A 393 -25.59 -1.86 14.75
CA TYR A 393 -25.16 -3.02 15.50
C TYR A 393 -25.91 -4.28 15.08
N ASP A 394 -25.86 -5.31 15.92
CA ASP A 394 -26.48 -6.60 15.62
C ASP A 394 -27.73 -6.66 14.76
N ASP A 395 -28.77 -5.88 15.06
CA ASP A 395 -29.96 -5.96 14.23
C ASP A 395 -30.24 -4.67 13.48
N SER A 396 -29.20 -3.87 13.33
CA SER A 396 -29.27 -2.59 12.65
C SER A 396 -29.87 -2.63 11.24
N VAL A 397 -29.64 -3.71 10.52
CA VAL A 397 -30.15 -3.83 9.15
C VAL A 397 -30.68 -5.21 8.82
N PRO A 398 -31.64 -5.30 7.88
CA PRO A 398 -32.23 -6.56 7.45
C PRO A 398 -31.21 -7.65 7.17
N LEU A 399 -31.70 -8.84 6.86
CA LEU A 399 -30.83 -9.96 6.54
C LEU A 399 -30.95 -10.23 5.07
N LEU A 400 -29.97 -10.93 4.52
CA LEU A 400 -29.94 -11.28 3.12
C LEU A 400 -29.92 -12.80 3.02
N ASN A 401 -30.78 -13.36 2.19
CA ASN A 401 -30.79 -14.80 2.02
C ASN A 401 -29.70 -15.06 0.99
N LEU A 402 -28.92 -16.11 1.18
CA LEU A 402 -27.84 -16.44 0.27
C LEU A 402 -28.16 -17.48 -0.78
N TYR A 403 -29.22 -18.26 -0.54
CA TYR A 403 -29.63 -19.30 -1.48
C TYR A 403 -29.93 -18.84 -2.89
N ASN A 404 -30.86 -17.92 -3.04
CA ASN A 404 -31.23 -17.45 -4.37
C ASN A 404 -30.05 -16.83 -5.12
N PRO A 405 -29.35 -15.86 -4.49
CA PRO A 405 -28.21 -15.22 -5.16
C PRO A 405 -27.10 -16.24 -5.45
N SER A 406 -27.28 -17.44 -4.89
CA SER A 406 -26.32 -18.53 -5.05
C SER A 406 -26.63 -19.42 -6.26
N SER A 407 -27.79 -19.21 -6.87
CA SER A 407 -28.23 -20.01 -8.00
C SER A 407 -27.33 -19.93 -9.22
N HIS A 408 -27.57 -20.84 -10.15
CA HIS A 408 -26.81 -20.88 -11.39
C HIS A 408 -27.16 -19.67 -12.22
N HIS A 409 -28.43 -19.25 -12.16
CA HIS A 409 -28.89 -18.10 -12.92
C HIS A 409 -28.08 -16.84 -12.63
N HIS A 410 -27.51 -16.75 -11.44
CA HIS A 410 -26.71 -15.58 -11.10
C HIS A 410 -25.25 -15.76 -11.45
N HIS A 411 -24.74 -16.98 -11.41
CA HIS A 411 -23.36 -17.25 -11.80
C HIS A 411 -23.41 -17.19 -13.32
N HIS A 412 -24.64 -17.13 -13.83
CA HIS A 412 -24.92 -17.10 -15.25
C HIS A 412 -25.10 -15.68 -15.76
N HIS A 413 -26.12 -14.99 -15.26
CA HIS A 413 -26.39 -13.63 -15.68
C HIS A 413 -26.03 -12.57 -14.65
N GLY A 414 -25.32 -13.00 -13.60
CA GLY A 414 -24.89 -12.08 -12.57
C GLY A 414 -25.78 -11.87 -11.35
N SER A 415 -25.17 -11.42 -10.26
CA SER A 415 -25.89 -11.16 -9.03
C SER A 415 -26.86 -10.01 -9.30
N SER A 416 -27.68 -9.69 -8.32
CA SER A 416 -28.65 -8.62 -8.50
C SER A 416 -28.52 -7.54 -7.45
N VAL A 417 -28.59 -6.29 -7.91
CA VAL A 417 -28.52 -5.16 -7.02
C VAL A 417 -29.61 -5.38 -5.98
N ASN A 418 -29.32 -5.10 -4.72
CA ASN A 418 -30.32 -5.29 -3.67
C ASN A 418 -31.23 -4.07 -3.52
N THR A 419 -31.71 -3.83 -2.32
CA THR A 419 -32.62 -2.70 -2.08
C THR A 419 -31.98 -1.59 -1.27
N ASP A 420 -32.54 -0.38 -1.38
CA ASP A 420 -32.02 0.75 -0.63
C ASP A 420 -32.07 0.45 0.86
N PHE A 421 -31.60 1.40 1.66
CA PHE A 421 -31.58 1.24 3.10
C PHE A 421 -31.68 2.63 3.71
N ASP A 422 -32.37 2.73 4.84
CA ASP A 422 -32.52 4.03 5.49
C ASP A 422 -31.30 4.33 6.33
N PHE A 423 -30.38 5.10 5.77
CA PHE A 423 -29.17 5.46 6.49
C PHE A 423 -29.49 6.61 7.46
N ASN A 424 -30.62 7.26 7.22
CA ASN A 424 -31.06 8.37 8.07
C ASN A 424 -31.64 7.86 9.39
N ALA A 425 -32.51 6.85 9.29
CA ALA A 425 -33.12 6.26 10.47
C ALA A 425 -31.97 5.75 11.33
N LYS A 426 -31.84 6.29 12.53
CA LYS A 426 -30.77 5.86 13.41
C LYS A 426 -31.34 5.36 14.72
N ASP A 427 -32.15 4.32 14.65
CA ASP A 427 -32.77 3.73 15.82
C ASP A 427 -31.76 3.61 16.95
N PRO A 428 -31.98 4.32 18.07
CA PRO A 428 -31.07 4.29 19.21
C PRO A 428 -30.90 2.89 19.79
N ALA A 429 -31.68 1.95 19.27
CA ALA A 429 -31.63 0.58 19.74
C ALA A 429 -30.50 -0.19 19.07
N ASN A 430 -30.65 -0.40 17.77
CA ASN A 430 -29.69 -1.16 16.98
C ASN A 430 -28.43 -0.40 16.56
N SER A 431 -28.42 0.93 16.69
CA SER A 431 -27.25 1.70 16.27
C SER A 431 -26.75 2.68 17.31
N GLY A 432 -25.65 3.34 16.99
CA GLY A 432 -25.06 4.30 17.91
C GLY A 432 -24.13 5.30 17.22
N PRO A 433 -23.94 6.48 17.81
CA PRO A 433 -23.09 7.51 17.26
C PRO A 433 -21.62 7.27 17.59
N TYR A 434 -20.74 7.66 16.67
CA TYR A 434 -19.31 7.53 16.86
C TYR A 434 -18.71 8.82 16.38
N ARG A 435 -18.39 9.71 17.31
CA ARG A 435 -17.81 11.01 16.97
C ARG A 435 -16.53 11.22 17.77
N ILE A 436 -15.42 11.24 17.06
CA ILE A 436 -14.11 11.38 17.69
C ILE A 436 -13.26 12.46 17.01
N LEU A 437 -12.38 13.07 17.79
CA LEU A 437 -11.46 14.07 17.26
C LEU A 437 -10.06 13.55 17.59
N ASN A 438 -9.37 13.05 16.57
CA ASN A 438 -8.04 12.52 16.77
C ASN A 438 -6.96 13.51 16.38
N LYS A 439 -5.96 13.63 17.24
CA LYS A 439 -4.84 14.52 16.99
C LYS A 439 -3.58 13.68 17.10
N GLN A 440 -2.57 14.07 16.35
CA GLN A 440 -1.29 13.39 16.37
C GLN A 440 -0.18 14.36 16.06
N LYS A 441 0.97 14.16 16.72
CA LYS A 441 2.14 15.00 16.52
C LYS A 441 3.38 14.15 16.74
N GLN A 442 4.35 14.29 15.83
CA GLN A 442 5.59 13.57 15.95
C GLN A 442 6.72 14.49 15.54
N THR A 443 7.79 14.45 16.32
CA THR A 443 8.97 15.26 16.07
C THR A 443 10.13 14.34 16.34
N GLY A 444 11.08 14.30 15.41
CA GLY A 444 12.20 13.42 15.61
C GLY A 444 13.49 14.02 15.11
N VAL A 445 14.59 13.65 15.77
CA VAL A 445 15.90 14.12 15.37
C VAL A 445 16.67 12.84 15.11
N TYR A 446 17.29 12.75 13.95
CA TYR A 446 18.03 11.55 13.60
C TYR A 446 19.42 11.88 13.10
N VAL A 447 20.33 10.94 13.28
CA VAL A 447 21.69 11.12 12.82
C VAL A 447 22.17 9.80 12.25
N GLN A 448 22.73 9.88 11.05
CA GLN A 448 23.23 8.71 10.37
C GLN A 448 24.48 9.06 9.59
N ASP A 449 25.35 8.08 9.45
CA ASP A 449 26.57 8.27 8.69
C ASP A 449 26.74 7.08 7.77
N GLN A 450 27.27 7.35 6.59
CA GLN A 450 27.53 6.30 5.61
C GLN A 450 29.02 6.33 5.36
N ALA A 451 29.76 5.63 6.22
CA ALA A 451 31.21 5.57 6.12
C ALA A 451 31.66 4.47 5.17
N GLN A 452 32.51 4.85 4.21
CA GLN A 452 33.02 3.87 3.25
C GLN A 452 34.54 3.79 3.35
N TRP A 453 35.01 2.65 3.82
CA TRP A 453 36.43 2.39 3.98
C TRP A 453 36.83 1.50 2.79
N ASP A 454 36.89 2.12 1.62
CA ASP A 454 37.23 1.43 0.38
C ASP A 454 36.13 0.45 0.00
N LYS A 455 36.44 -0.85 0.03
CA LYS A 455 35.44 -1.87 -0.32
C LYS A 455 34.55 -2.25 0.85
N VAL A 456 34.63 -1.48 1.92
CA VAL A 456 33.83 -1.71 3.11
C VAL A 456 32.92 -0.50 3.34
N LEU A 457 31.63 -0.77 3.43
CA LEU A 457 30.67 0.31 3.66
C LEU A 457 29.87 -0.04 4.91
N VAL A 458 29.95 0.83 5.90
CA VAL A 458 29.23 0.61 7.14
C VAL A 458 28.22 1.71 7.36
N THR A 459 26.98 1.32 7.59
CA THR A 459 25.91 2.27 7.84
C THR A 459 25.49 2.14 9.29
N LEU A 460 25.32 3.28 9.95
CA LEU A 460 24.92 3.29 11.34
C LEU A 460 24.19 4.59 11.59
N GLY A 461 23.11 4.52 12.35
CA GLY A 461 22.34 5.71 12.64
C GLY A 461 21.29 5.46 13.70
N GLY A 462 20.75 6.53 14.25
CA GLY A 462 19.73 6.42 15.27
C GLY A 462 18.82 7.62 15.20
N ARG A 463 17.68 7.53 15.87
CA ARG A 463 16.71 8.61 15.88
C ARG A 463 15.93 8.62 17.18
N TYR A 464 15.51 9.82 17.59
CA TYR A 464 14.72 9.98 18.81
C TYR A 464 13.43 10.67 18.40
N ASP A 465 12.30 10.09 18.80
CA ASP A 465 11.00 10.63 18.46
C ASP A 465 10.16 11.08 19.65
N TRP A 466 9.39 12.14 19.42
CA TRP A 466 8.48 12.70 20.41
C TRP A 466 7.11 12.53 19.78
N ALA A 467 6.51 11.37 20.03
CA ALA A 467 5.19 11.05 19.49
C ALA A 467 4.07 11.38 20.47
N ASP A 468 3.30 12.43 20.14
CA ASP A 468 2.20 12.83 21.01
C ASP A 468 0.84 12.65 20.34
N GLN A 469 -0.12 12.13 21.11
CA GLN A 469 -1.47 11.93 20.58
C GLN A 469 -2.53 12.34 21.59
N GLU A 470 -3.69 12.70 21.08
CA GLU A 470 -4.80 13.15 21.91
C GLU A 470 -6.10 12.86 21.18
N SER A 471 -6.99 12.11 21.84
CA SER A 471 -8.27 11.76 21.26
C SER A 471 -9.43 12.22 22.12
N LEU A 472 -10.34 12.98 21.50
CA LEU A 472 -11.51 13.48 22.19
C LEU A 472 -12.73 12.76 21.67
N ASN A 473 -13.50 12.17 22.58
CA ASN A 473 -14.71 11.46 22.21
C ASN A 473 -15.85 12.45 22.39
N ARG A 474 -16.31 13.06 21.29
CA ARG A 474 -17.36 14.05 21.36
C ARG A 474 -18.65 13.59 22.04
N VAL A 475 -18.71 12.33 22.47
CA VAL A 475 -19.89 11.83 23.15
C VAL A 475 -19.54 11.49 24.60
N ALA A 476 -18.58 10.60 24.80
CA ALA A 476 -18.17 10.23 26.15
C ALA A 476 -17.50 11.45 26.78
N GLY A 477 -17.32 12.49 25.98
CA GLY A 477 -16.68 13.70 26.47
C GLY A 477 -15.32 13.39 27.05
N THR A 478 -14.78 12.22 26.71
CA THR A 478 -13.47 11.82 27.20
C THR A 478 -12.37 12.37 26.31
N THR A 479 -11.17 12.46 26.88
CA THR A 479 -10.02 12.94 26.15
C THR A 479 -8.82 12.13 26.62
N ASP A 480 -8.42 11.18 25.77
CA ASP A 480 -7.28 10.33 26.07
C ASP A 480 -6.06 10.91 25.38
N LYS A 481 -4.98 11.07 26.14
CA LYS A 481 -3.76 11.63 25.60
C LYS A 481 -2.57 10.78 26.03
N ARG A 482 -1.52 10.81 25.23
CA ARG A 482 -0.29 10.11 25.53
C ARG A 482 0.87 10.68 24.74
N ASP A 483 2.00 10.84 25.42
CA ASP A 483 3.20 11.37 24.80
C ASP A 483 4.30 10.34 24.91
N ASP A 484 4.74 9.84 23.77
CA ASP A 484 5.79 8.85 23.74
C ASP A 484 7.11 9.44 23.30
N LYS A 485 8.14 9.10 24.05
CA LYS A 485 9.49 9.53 23.73
C LYS A 485 10.10 8.18 23.40
N GLN A 486 10.72 8.06 22.24
CA GLN A 486 11.27 6.78 21.85
C GLN A 486 12.54 6.92 21.02
N PHE A 487 13.43 5.94 21.17
CA PHE A 487 14.67 5.93 20.45
C PHE A 487 14.79 4.64 19.65
N THR A 488 15.36 4.76 18.46
CA THR A 488 15.57 3.62 17.59
C THR A 488 16.82 3.92 16.79
N TRP A 489 17.61 2.89 16.54
CA TRP A 489 18.83 3.04 15.79
C TRP A 489 18.95 1.83 14.89
N ARG A 490 19.81 1.93 13.89
CA ARG A 490 20.02 0.85 12.96
C ARG A 490 21.49 0.81 12.60
N GLY A 491 22.03 -0.39 12.49
CA GLY A 491 23.42 -0.56 12.13
C GLY A 491 23.54 -1.67 11.13
N GLY A 492 24.31 -1.43 10.06
CA GLY A 492 24.48 -2.44 9.03
C GLY A 492 25.77 -2.25 8.26
N VAL A 493 26.18 -3.30 7.54
CA VAL A 493 27.38 -3.24 6.75
C VAL A 493 27.21 -3.98 5.43
N ASN A 494 27.78 -3.42 4.38
CA ASN A 494 27.73 -4.00 3.05
C ASN A 494 29.15 -4.08 2.47
N TYR A 495 29.53 -5.25 1.95
CA TYR A 495 30.86 -5.43 1.39
C TYR A 495 30.84 -5.35 -0.14
N LEU A 496 31.35 -4.23 -0.66
CA LEU A 496 31.39 -3.98 -2.09
C LEU A 496 32.38 -4.79 -2.90
N PHE A 497 31.96 -5.98 -3.34
CA PHE A 497 32.82 -6.81 -4.18
C PHE A 497 32.82 -6.22 -5.58
N ASP A 498 33.98 -5.75 -6.01
CA ASP A 498 34.16 -5.14 -7.32
C ASP A 498 33.51 -5.91 -8.48
N ASN A 499 33.08 -7.14 -8.24
CA ASN A 499 32.46 -7.95 -9.28
C ASN A 499 30.93 -7.87 -9.26
N GLY A 500 30.39 -6.99 -8.42
CA GLY A 500 28.95 -6.83 -8.35
C GLY A 500 28.31 -7.32 -7.06
N VAL A 501 28.63 -8.55 -6.67
CA VAL A 501 28.05 -9.12 -5.45
C VAL A 501 28.31 -8.20 -4.26
N THR A 502 27.28 -8.02 -3.44
CA THR A 502 27.40 -7.16 -2.28
C THR A 502 26.72 -7.79 -1.08
N PRO A 503 27.44 -8.68 -0.38
CA PRO A 503 26.87 -9.33 0.80
C PRO A 503 26.58 -8.24 1.81
N TYR A 504 25.66 -8.49 2.73
CA TYR A 504 25.34 -7.48 3.73
C TYR A 504 24.51 -8.05 4.86
N PHE A 505 24.51 -7.35 5.98
CA PHE A 505 23.76 -7.76 7.15
C PHE A 505 23.47 -6.46 7.88
N SER A 506 22.43 -6.45 8.70
CA SER A 506 22.10 -5.25 9.43
C SER A 506 21.11 -5.53 10.56
N TYR A 507 21.04 -4.58 11.48
CA TYR A 507 20.15 -4.66 12.62
C TYR A 507 19.38 -3.36 12.63
N SER A 508 18.07 -3.45 12.84
CA SER A 508 17.23 -2.25 12.86
C SER A 508 16.10 -2.34 13.88
N GLU A 509 15.49 -1.19 14.18
CA GLU A 509 14.40 -1.13 15.15
C GLU A 509 13.30 -0.18 14.70
N SER A 510 12.09 -0.43 15.18
CA SER A 510 10.94 0.40 14.86
C SER A 510 10.06 0.45 16.10
N PHE A 511 9.17 1.42 16.15
CA PHE A 511 8.26 1.54 17.29
C PHE A 511 6.93 2.05 16.77
N GLU A 512 5.84 1.57 17.36
CA GLU A 512 4.51 1.97 16.94
C GLU A 512 3.58 2.21 18.12
N PRO A 513 3.21 3.47 18.37
CA PRO A 513 2.32 3.85 19.47
C PRO A 513 0.94 3.19 19.35
N SER A 514 0.29 2.98 20.49
CA SER A 514 -1.03 2.40 20.50
C SER A 514 -1.97 3.56 20.66
N SER A 515 -3.20 3.40 20.22
CA SER A 515 -4.18 4.47 20.37
C SER A 515 -5.25 3.91 21.29
N GLN A 516 -5.15 2.62 21.58
CA GLN A 516 -6.09 1.93 22.44
C GLN A 516 -5.81 2.24 23.89
N VAL A 517 -6.80 1.97 24.73
CA VAL A 517 -6.67 2.22 26.16
C VAL A 517 -7.08 1.00 26.96
N GLY A 518 -6.26 0.64 27.95
CA GLY A 518 -6.52 -0.52 28.79
C GLY A 518 -7.46 -0.29 29.96
N LYS A 519 -7.65 -1.35 30.75
CA LYS A 519 -8.53 -1.29 31.91
C LYS A 519 -8.18 -0.09 32.78
N ASP A 520 -6.89 0.23 32.87
CA ASP A 520 -6.43 1.36 33.68
C ASP A 520 -6.72 2.70 33.01
N GLY A 521 -7.68 2.71 32.08
CA GLY A 521 -8.03 3.94 31.39
C GLY A 521 -6.86 4.73 30.82
N ASN A 522 -5.80 4.05 30.42
CA ASN A 522 -4.63 4.70 29.84
C ASN A 522 -4.17 4.10 28.52
N ILE A 523 -3.69 4.95 27.62
CA ILE A 523 -3.21 4.51 26.32
C ILE A 523 -2.05 3.55 26.55
N PHE A 524 -2.11 2.40 25.89
CA PHE A 524 -1.05 1.40 26.01
C PHE A 524 0.27 1.98 25.53
N ALA A 525 1.37 1.37 25.94
CA ALA A 525 2.69 1.80 25.52
C ALA A 525 2.90 1.28 24.09
N PRO A 526 3.84 1.88 23.34
CA PRO A 526 4.10 1.46 21.96
C PRO A 526 4.61 0.05 21.82
N SER A 527 4.39 -0.55 20.66
CA SER A 527 4.90 -1.88 20.38
C SER A 527 6.23 -1.59 19.71
N LYS A 528 7.10 -2.58 19.59
CA LYS A 528 8.39 -2.33 18.96
C LYS A 528 8.77 -3.31 17.88
N GLY A 529 9.77 -2.92 17.10
CA GLY A 529 10.25 -3.76 16.02
C GLY A 529 11.74 -3.99 16.16
N LYS A 530 12.14 -5.25 16.07
CA LYS A 530 13.54 -5.64 16.15
C LYS A 530 13.78 -6.63 15.02
N GLN A 531 14.54 -6.22 14.02
CA GLN A 531 14.82 -7.12 12.90
C GLN A 531 16.30 -7.39 12.70
N TYR A 532 16.59 -8.67 12.49
CA TYR A 532 17.94 -9.13 12.22
C TYR A 532 17.90 -9.60 10.78
N GLU A 533 18.71 -9.00 9.93
CA GLU A 533 18.70 -9.40 8.52
C GLU A 533 20.08 -9.44 7.88
N VAL A 534 20.25 -10.43 7.01
CA VAL A 534 21.47 -10.62 6.26
C VAL A 534 21.04 -11.03 4.86
N GLY A 535 21.81 -10.63 3.86
CA GLY A 535 21.48 -10.97 2.49
C GLY A 535 22.58 -10.51 1.58
N VAL A 536 22.43 -10.75 0.29
CA VAL A 536 23.42 -10.32 -0.69
C VAL A 536 22.75 -9.65 -1.88
N LYS A 537 23.38 -8.59 -2.37
CA LYS A 537 22.84 -7.85 -3.50
C LYS A 537 23.79 -7.87 -4.68
N TYR A 538 23.27 -8.22 -5.85
CA TYR A 538 24.08 -8.26 -7.05
C TYR A 538 23.66 -7.16 -8.02
N VAL A 539 24.49 -6.13 -8.12
CA VAL A 539 24.22 -5.03 -9.03
C VAL A 539 25.44 -4.80 -9.92
N PRO A 540 25.65 -5.69 -10.92
CA PRO A 540 26.78 -5.58 -11.83
C PRO A 540 26.78 -4.22 -12.53
N GLU A 541 27.92 -3.54 -12.51
CA GLU A 541 28.03 -2.22 -13.11
C GLU A 541 27.87 -2.18 -14.62
N ASP A 542 28.28 -3.24 -15.30
CA ASP A 542 28.17 -3.33 -16.75
C ASP A 542 26.72 -3.50 -17.22
N ARG A 543 26.20 -4.72 -17.12
CA ARG A 543 24.83 -5.02 -17.52
C ARG A 543 23.79 -4.40 -16.60
N PRO A 544 22.63 -4.02 -17.16
CA PRO A 544 21.52 -3.41 -16.44
C PRO A 544 20.62 -4.46 -15.80
N ILE A 545 21.13 -5.10 -14.75
CA ILE A 545 20.38 -6.14 -14.05
C ILE A 545 20.66 -6.10 -12.55
N VAL A 546 19.61 -6.25 -11.75
CA VAL A 546 19.72 -6.25 -10.30
C VAL A 546 19.10 -7.50 -9.72
N VAL A 547 19.78 -8.12 -8.76
CA VAL A 547 19.26 -9.33 -8.14
C VAL A 547 19.59 -9.34 -6.65
N THR A 548 18.55 -9.31 -5.85
CA THR A 548 18.72 -9.29 -4.40
C THR A 548 18.14 -10.54 -3.74
N GLY A 549 18.70 -10.87 -2.58
CA GLY A 549 18.24 -12.02 -1.84
C GLY A 549 18.52 -11.76 -0.38
N ALA A 550 17.55 -12.08 0.48
CA ALA A 550 17.74 -11.86 1.90
C ALA A 550 16.87 -12.76 2.75
N VAL A 551 17.38 -13.07 3.93
CA VAL A 551 16.68 -13.90 4.90
C VAL A 551 16.71 -13.01 6.15
N TYR A 552 15.63 -13.00 6.92
CA TYR A 552 15.58 -12.12 8.07
C TYR A 552 14.82 -12.71 9.25
N ASN A 553 14.91 -12.00 10.38
CA ASN A 553 14.21 -12.38 11.59
C ASN A 553 13.67 -11.10 12.20
N LEU A 554 12.37 -10.86 12.00
CA LEU A 554 11.71 -9.66 12.50
C LEU A 554 10.82 -9.97 13.69
N THR A 555 10.92 -9.15 14.74
CA THR A 555 10.11 -9.38 15.93
C THR A 555 9.36 -8.15 16.42
N LYS A 556 8.06 -8.31 16.61
CA LYS A 556 7.22 -7.23 17.10
C LYS A 556 6.84 -7.51 18.54
N THR A 557 7.57 -6.88 19.47
CA THR A 557 7.31 -7.08 20.89
C THR A 557 6.32 -6.07 21.48
N ASN A 558 5.68 -6.49 22.55
CA ASN A 558 4.69 -5.68 23.26
C ASN A 558 3.45 -5.46 22.43
N ASN A 559 2.97 -6.53 21.82
CA ASN A 559 1.77 -6.47 21.01
C ASN A 559 0.60 -6.64 21.98
N LEU A 560 -0.59 -6.22 21.57
CA LEU A 560 -1.77 -6.36 22.43
C LEU A 560 -2.33 -7.78 22.33
N MSE A 561 -2.85 -8.29 23.44
CA MSE A 561 -3.43 -9.62 23.46
C MSE A 561 -4.59 -9.67 24.45
O MSE A 561 -4.74 -8.78 25.28
CB MSE A 561 -2.38 -10.67 23.83
CG MSE A 561 -1.86 -10.59 25.25
SE MSE A 561 -0.30 -11.70 25.51
CE MSE A 561 0.73 -10.53 26.64
N ALA A 562 -5.40 -10.73 24.35
CA ALA A 562 -6.56 -10.88 25.23
C ALA A 562 -6.17 -10.92 26.70
N ASP A 563 -6.99 -10.28 27.54
CA ASP A 563 -6.74 -10.23 28.97
C ASP A 563 -6.96 -11.62 29.56
N PRO A 564 -5.96 -12.14 30.28
CA PRO A 564 -6.10 -13.48 30.88
C PRO A 564 -7.35 -13.55 31.76
N GLU A 565 -7.60 -12.45 32.48
CA GLU A 565 -8.76 -12.36 33.39
C GLU A 565 -10.05 -12.35 32.59
N GLY A 566 -9.94 -12.20 31.27
CA GLY A 566 -11.11 -12.19 30.41
C GLY A 566 -12.03 -11.00 30.63
N SER A 567 -11.64 -9.86 30.04
CA SER A 567 -12.43 -8.64 30.16
C SER A 567 -12.66 -8.05 28.77
N PHE A 568 -13.25 -6.85 28.73
CA PHE A 568 -13.50 -6.21 27.45
C PHE A 568 -12.26 -5.46 26.99
N PHE A 569 -11.28 -5.37 27.87
CA PHE A 569 -10.03 -4.69 27.56
C PHE A 569 -8.97 -5.67 27.11
N SER A 570 -7.91 -5.14 26.52
CA SER A 570 -6.80 -5.95 26.05
C SER A 570 -5.62 -5.67 26.95
N VAL A 571 -4.65 -6.58 26.96
CA VAL A 571 -3.46 -6.42 27.78
C VAL A 571 -2.27 -6.47 26.85
N GLU A 572 -1.15 -5.92 27.28
CA GLU A 572 0.05 -5.92 26.44
C GLU A 572 1.06 -6.98 26.83
N GLY A 573 2.21 -6.97 26.16
CA GLY A 573 3.24 -7.95 26.44
C GLY A 573 3.32 -8.99 25.33
N GLY A 574 2.26 -9.06 24.53
CA GLY A 574 2.21 -10.00 23.43
C GLY A 574 3.41 -9.89 22.51
N GLU A 575 3.69 -10.96 21.78
CA GLU A 575 4.82 -10.96 20.87
C GLU A 575 4.57 -11.77 19.62
N ILE A 576 5.10 -11.31 18.49
CA ILE A 576 4.94 -12.02 17.22
C ILE A 576 6.28 -11.98 16.50
N ARG A 577 6.66 -13.11 15.92
CA ARG A 577 7.91 -13.20 15.18
C ARG A 577 7.61 -13.48 13.73
N ALA A 578 8.40 -12.86 12.86
CA ALA A 578 8.26 -13.07 11.43
C ALA A 578 9.65 -13.31 10.88
N ARG A 579 9.91 -14.54 10.47
CA ARG A 579 11.19 -14.89 9.89
C ARG A 579 10.95 -15.50 8.52
N GLY A 580 11.75 -15.08 7.55
CA GLY A 580 11.56 -15.60 6.21
C GLY A 580 12.70 -15.28 5.27
N VAL A 581 12.45 -15.54 3.99
CA VAL A 581 13.44 -15.30 2.95
C VAL A 581 12.78 -14.65 1.75
N GLU A 582 13.45 -13.63 1.21
CA GLU A 582 12.92 -12.92 0.06
C GLU A 582 14.02 -12.81 -0.98
N ILE A 583 13.69 -13.18 -2.22
CA ILE A 583 14.63 -13.07 -3.31
C ILE A 583 13.83 -12.39 -4.41
N GLU A 584 14.49 -11.51 -5.15
CA GLU A 584 13.83 -10.79 -6.23
C GLU A 584 14.83 -10.56 -7.35
N ALA A 585 14.32 -10.45 -8.57
CA ALA A 585 15.14 -10.23 -9.74
C ALA A 585 14.42 -9.41 -10.80
N LYS A 586 15.09 -8.38 -11.29
CA LYS A 586 14.57 -7.50 -12.32
C LYS A 586 15.74 -7.30 -13.28
N ALA A 587 15.49 -7.43 -14.58
CA ALA A 587 16.58 -7.28 -15.53
C ALA A 587 16.18 -6.89 -16.94
N ALA A 588 17.20 -6.60 -17.74
CA ALA A 588 17.04 -6.24 -19.14
C ALA A 588 18.00 -7.16 -19.87
N LEU A 589 17.70 -8.45 -19.85
CA LEU A 589 18.51 -9.49 -20.49
C LEU A 589 18.73 -9.27 -21.98
N SER A 590 18.25 -8.15 -22.49
CA SER A 590 18.37 -7.83 -23.90
C SER A 590 17.64 -6.52 -24.17
N ALA A 591 17.84 -5.98 -25.36
CA ALA A 591 17.16 -4.74 -25.72
C ALA A 591 15.75 -5.15 -26.12
N SER A 592 15.50 -6.45 -26.10
CA SER A 592 14.19 -7.00 -26.45
C SER A 592 13.58 -7.88 -25.35
N VAL A 593 14.42 -8.30 -24.40
CA VAL A 593 13.97 -9.15 -23.31
C VAL A 593 14.02 -8.48 -21.94
N ASN A 594 12.94 -8.61 -21.19
CA ASN A 594 12.83 -8.06 -19.84
C ASN A 594 12.26 -9.10 -18.89
N VAL A 595 12.75 -9.09 -17.66
CA VAL A 595 12.28 -10.07 -16.69
C VAL A 595 12.23 -9.58 -15.25
N VAL A 596 11.20 -10.02 -14.55
CA VAL A 596 10.99 -9.67 -13.16
C VAL A 596 10.45 -10.91 -12.48
N GLY A 597 10.93 -11.18 -11.27
CA GLY A 597 10.46 -12.34 -10.54
C GLY A 597 10.94 -12.25 -9.11
N SER A 598 10.25 -12.98 -8.23
CA SER A 598 10.63 -12.98 -6.83
C SER A 598 9.99 -14.16 -6.14
N TYR A 599 10.50 -14.46 -4.96
CA TYR A 599 9.98 -15.55 -4.16
C TYR A 599 9.98 -15.06 -2.72
N THR A 600 8.93 -15.39 -1.99
CA THR A 600 8.85 -14.96 -0.61
C THR A 600 8.47 -16.10 0.31
N TYR A 601 9.22 -16.21 1.40
CA TYR A 601 8.97 -17.21 2.41
C TYR A 601 8.69 -16.43 3.68
N THR A 602 7.47 -16.55 4.19
CA THR A 602 7.12 -15.82 5.39
C THR A 602 6.62 -16.76 6.46
N ASP A 603 7.35 -16.83 7.56
CA ASP A 603 6.98 -17.66 8.68
C ASP A 603 6.68 -16.74 9.85
N ALA A 604 5.47 -16.19 9.87
CA ALA A 604 5.04 -15.29 10.92
C ALA A 604 4.29 -16.10 11.96
N GLU A 605 4.63 -15.90 13.24
CA GLU A 605 3.98 -16.66 14.29
C GLU A 605 3.88 -15.92 15.62
N TYR A 606 2.79 -16.15 16.33
CA TYR A 606 2.56 -15.54 17.63
C TYR A 606 3.47 -16.21 18.65
N THR A 607 4.51 -15.51 19.08
CA THR A 607 5.43 -16.04 20.08
C THR A 607 4.69 -16.12 21.41
N THR A 608 4.22 -14.97 21.90
CA THR A 608 3.51 -14.88 23.16
C THR A 608 2.12 -14.30 22.93
N ASP A 609 1.09 -15.04 23.31
CA ASP A 609 -0.27 -14.55 23.15
C ASP A 609 -1.30 -15.37 23.93
N THR A 610 -2.17 -14.65 24.63
CA THR A 610 -3.22 -15.27 25.42
C THR A 610 -4.03 -16.28 24.62
N THR A 611 -4.57 -15.83 23.49
CA THR A 611 -5.42 -16.66 22.66
C THR A 611 -4.78 -17.40 21.49
N TYR A 612 -3.88 -16.74 20.76
CA TYR A 612 -3.30 -17.36 19.57
C TYR A 612 -1.86 -17.81 19.58
N LYS A 613 -1.29 -18.14 20.74
CA LYS A 613 0.10 -18.57 20.79
C LYS A 613 0.31 -19.65 19.73
N GLY A 614 1.43 -19.56 19.01
CA GLY A 614 1.74 -20.54 17.98
C GLY A 614 0.97 -20.42 16.68
N ASN A 615 -0.07 -19.59 16.65
CA ASN A 615 -0.87 -19.41 15.44
C ASN A 615 -0.20 -18.39 14.52
N THR A 616 -0.55 -18.43 13.24
CA THR A 616 0.00 -17.48 12.29
C THR A 616 -1.08 -16.44 11.99
N PRO A 617 -0.71 -15.15 11.93
CA PRO A 617 -1.68 -14.10 11.67
C PRO A 617 -2.39 -14.28 10.33
N ALA A 618 -3.68 -13.97 10.31
CA ALA A 618 -4.48 -14.11 9.11
C ALA A 618 -3.97 -13.25 7.96
N GLN A 619 -4.39 -13.62 6.75
CA GLN A 619 -4.04 -12.89 5.54
C GLN A 619 -2.58 -12.87 5.08
N VAL A 620 -1.71 -13.59 5.78
CA VAL A 620 -0.32 -13.65 5.35
C VAL A 620 0.03 -15.08 4.92
N PRO A 621 0.19 -15.28 3.61
CA PRO A 621 0.52 -16.59 3.05
C PRO A 621 1.95 -16.98 3.38
N LYS A 622 2.22 -18.27 3.50
CA LYS A 622 3.55 -18.75 3.82
C LYS A 622 4.46 -18.68 2.58
N HIS A 623 3.86 -18.85 1.41
CA HIS A 623 4.62 -18.82 0.17
C HIS A 623 4.02 -17.86 -0.84
N MSE A 624 4.90 -17.13 -1.52
CA MSE A 624 4.50 -16.18 -2.57
C MSE A 624 5.58 -16.15 -3.63
O MSE A 624 6.77 -16.16 -3.31
CB MSE A 624 4.32 -14.78 -2.00
CG MSE A 624 3.08 -14.56 -1.18
SE MSE A 624 2.80 -12.68 -0.91
CE MSE A 624 4.10 -12.37 0.49
N ALA A 625 5.18 -16.08 -4.88
CA ALA A 625 6.14 -16.03 -5.98
C ALA A 625 5.54 -15.44 -7.23
N SER A 626 6.38 -14.79 -8.02
CA SER A 626 5.93 -14.16 -9.25
C SER A 626 7.06 -14.20 -10.25
N LEU A 627 6.71 -14.13 -11.53
CA LEU A 627 7.69 -14.14 -12.60
C LEU A 627 7.05 -13.47 -13.80
N TRP A 628 7.75 -12.50 -14.38
CA TRP A 628 7.23 -11.82 -15.54
C TRP A 628 8.33 -11.61 -16.56
N ALA A 629 7.95 -11.72 -17.83
CA ALA A 629 8.91 -11.54 -18.91
C ALA A 629 8.19 -11.00 -20.12
N ASP A 630 8.82 -10.04 -20.80
CA ASP A 630 8.25 -9.46 -22.00
C ASP A 630 9.32 -9.44 -23.07
N TYR A 631 8.88 -9.58 -24.31
CA TYR A 631 9.80 -9.56 -25.43
C TYR A 631 9.33 -8.53 -26.45
N THR A 632 10.28 -7.84 -27.05
CA THR A 632 9.96 -6.84 -28.05
C THR A 632 10.67 -7.16 -29.36
N PHE A 633 9.98 -6.91 -30.46
CA PHE A 633 10.55 -7.16 -31.77
C PHE A 633 11.02 -5.85 -32.39
N PHE A 634 12.16 -5.91 -33.07
CA PHE A 634 12.72 -4.75 -33.74
C PHE A 634 12.98 -5.14 -35.20
N ASP A 635 12.93 -6.45 -35.46
CA ASP A 635 13.17 -6.98 -36.80
C ASP A 635 11.89 -7.54 -37.40
N GLY A 636 11.93 -7.80 -38.70
CA GLY A 636 10.78 -8.36 -39.40
C GLY A 636 9.52 -7.52 -39.40
N PRO A 637 8.38 -8.14 -39.76
CA PRO A 637 7.06 -7.52 -39.82
C PRO A 637 6.44 -7.34 -38.43
N LEU A 638 7.15 -7.81 -37.42
CA LEU A 638 6.69 -7.71 -36.05
C LEU A 638 7.43 -6.60 -35.31
N SER A 639 8.10 -5.74 -36.07
CA SER A 639 8.85 -4.63 -35.49
C SER A 639 7.92 -3.73 -34.69
N GLY A 640 8.35 -3.36 -33.49
CA GLY A 640 7.54 -2.51 -32.64
C GLY A 640 6.44 -3.27 -31.94
N LEU A 641 6.63 -4.58 -31.80
CA LEU A 641 5.64 -5.42 -31.14
C LEU A 641 6.22 -6.00 -29.87
N THR A 642 5.54 -5.77 -28.76
CA THR A 642 5.99 -6.33 -27.49
C THR A 642 4.95 -7.31 -27.00
N LEU A 643 5.42 -8.48 -26.58
CA LEU A 643 4.53 -9.49 -26.04
C LEU A 643 5.10 -9.88 -24.70
N GLY A 644 4.28 -9.73 -23.66
CA GLY A 644 4.74 -10.06 -22.33
C GLY A 644 3.67 -10.82 -21.58
N THR A 645 4.10 -11.60 -20.61
CA THR A 645 3.19 -12.38 -19.81
C THR A 645 3.89 -12.75 -18.51
N GLY A 646 3.11 -13.13 -17.51
CA GLY A 646 3.69 -13.51 -16.24
C GLY A 646 2.67 -14.07 -15.27
N GLY A 647 3.15 -14.63 -14.17
CA GLY A 647 2.26 -15.20 -13.20
C GLY A 647 2.56 -14.79 -11.76
N ARG A 648 1.51 -14.72 -10.96
CA ARG A 648 1.63 -14.36 -9.56
C ARG A 648 1.08 -15.52 -8.73
N TYR A 649 1.90 -16.02 -7.82
CA TYR A 649 1.47 -17.12 -6.96
C TYR A 649 1.27 -16.65 -5.54
N THR A 650 0.12 -17.03 -4.98
CA THR A 650 -0.21 -16.71 -3.61
C THR A 650 -0.54 -18.02 -2.92
N GLY A 651 0.29 -18.43 -1.97
CA GLY A 651 0.04 -19.67 -1.26
C GLY A 651 -1.18 -19.56 -0.37
N SER A 652 -1.58 -20.67 0.24
CA SER A 652 -2.74 -20.64 1.12
C SER A 652 -2.40 -19.83 2.38
N SER A 653 -3.43 -19.33 3.06
CA SER A 653 -3.23 -18.54 4.26
C SER A 653 -4.39 -18.80 5.21
N TYR A 654 -4.27 -18.32 6.43
CA TYR A 654 -5.35 -18.51 7.39
C TYR A 654 -6.34 -17.36 7.26
N GLY A 655 -7.62 -17.67 7.45
CA GLY A 655 -8.65 -16.67 7.32
C GLY A 655 -9.17 -16.09 8.62
N ASP A 656 -8.43 -16.29 9.71
CA ASP A 656 -8.83 -15.75 11.00
C ASP A 656 -7.77 -15.98 12.06
N PRO A 657 -7.74 -15.12 13.09
CA PRO A 657 -6.75 -15.24 14.17
C PRO A 657 -6.74 -16.62 14.81
N ALA A 658 -7.92 -17.22 14.93
CA ALA A 658 -8.05 -18.55 15.53
C ALA A 658 -7.49 -19.64 14.62
N ASN A 659 -7.20 -19.28 13.38
CA ASN A 659 -6.70 -20.24 12.40
C ASN A 659 -7.74 -21.34 12.25
N SER A 660 -9.00 -20.97 12.42
CA SER A 660 -10.10 -21.91 12.29
C SER A 660 -10.00 -22.58 10.92
N PHE A 661 -10.31 -21.82 9.86
CA PHE A 661 -10.26 -22.35 8.51
C PHE A 661 -9.08 -21.76 7.74
N LYS A 662 -8.93 -22.15 6.47
CA LYS A 662 -7.83 -21.66 5.65
C LYS A 662 -8.26 -21.27 4.23
N VAL A 663 -7.62 -20.23 3.70
CA VAL A 663 -7.90 -19.76 2.36
C VAL A 663 -6.89 -20.45 1.47
N GLY A 664 -7.37 -21.07 0.40
CA GLY A 664 -6.50 -21.79 -0.50
C GLY A 664 -5.65 -20.96 -1.43
N SER A 665 -4.50 -21.50 -1.80
CA SER A 665 -3.57 -20.83 -2.70
C SER A 665 -4.22 -20.65 -4.06
N TYR A 666 -3.52 -19.90 -4.92
CA TYR A 666 -4.01 -19.63 -6.26
C TYR A 666 -2.90 -18.98 -7.08
N THR A 667 -3.03 -19.05 -8.40
CA THR A 667 -2.05 -18.47 -9.30
C THR A 667 -2.77 -17.73 -10.41
N VAL A 668 -2.40 -16.48 -10.61
CA VAL A 668 -3.02 -15.64 -11.63
C VAL A 668 -2.01 -15.27 -12.70
N VAL A 669 -2.46 -15.35 -13.96
CA VAL A 669 -1.60 -15.02 -15.08
C VAL A 669 -1.95 -13.66 -15.67
N ASP A 670 -0.92 -12.92 -16.05
CA ASP A 670 -1.10 -11.61 -16.65
C ASP A 670 -0.51 -11.64 -18.05
N ALA A 671 -1.13 -10.91 -18.97
CA ALA A 671 -0.66 -10.88 -20.34
C ALA A 671 -0.52 -9.45 -20.86
N LEU A 672 0.35 -9.29 -21.85
CA LEU A 672 0.58 -7.98 -22.43
C LEU A 672 0.97 -8.04 -23.90
N VAL A 673 0.35 -7.15 -24.68
CA VAL A 673 0.66 -7.04 -26.10
C VAL A 673 0.70 -5.55 -26.40
N ARG A 674 1.89 -5.06 -26.66
CA ARG A 674 2.09 -3.64 -26.95
C ARG A 674 2.57 -3.51 -28.39
N TYR A 675 2.25 -2.38 -29.01
CA TYR A 675 2.65 -2.15 -30.39
C TYR A 675 3.08 -0.70 -30.62
N ASP A 676 4.36 -0.51 -30.92
CA ASP A 676 4.91 0.82 -31.19
C ASP A 676 4.16 1.40 -32.40
N LEU A 677 3.62 2.60 -32.24
CA LEU A 677 2.86 3.24 -33.32
C LEU A 677 3.71 4.03 -34.32
N ALA A 678 5.02 3.76 -34.31
CA ALA A 678 5.94 4.45 -35.21
C ALA A 678 5.59 4.25 -36.68
N ARG A 679 5.28 3.02 -37.05
CA ARG A 679 4.93 2.67 -38.43
C ARG A 679 3.67 3.37 -38.95
N VAL A 680 3.36 4.53 -38.38
CA VAL A 680 2.20 5.31 -38.78
C VAL A 680 2.54 6.76 -38.48
N GLY A 681 3.84 7.05 -38.45
CA GLY A 681 4.30 8.39 -38.19
C GLY A 681 4.09 8.83 -36.75
N MSE A 682 4.29 7.91 -35.82
CA MSE A 682 4.11 8.22 -34.41
C MSE A 682 5.00 7.40 -33.50
O MSE A 682 4.54 6.47 -32.84
CB MSE A 682 2.66 8.03 -34.00
CG MSE A 682 1.68 8.90 -34.75
SE MSE A 682 -0.10 8.78 -34.05
CE MSE A 682 -0.66 7.15 -34.93
N ALA A 683 6.28 7.73 -33.46
CA ALA A 683 7.21 7.00 -32.61
C ALA A 683 6.90 7.44 -31.18
N GLY A 684 7.21 6.58 -30.21
CA GLY A 684 6.94 6.91 -28.83
C GLY A 684 5.51 6.66 -28.43
N SER A 685 4.61 6.68 -29.41
CA SER A 685 3.20 6.42 -29.15
C SER A 685 2.99 4.93 -29.30
N ASN A 686 1.91 4.41 -28.73
CA ASN A 686 1.65 2.99 -28.84
C ASN A 686 0.24 2.61 -28.45
N VAL A 687 -0.10 1.38 -28.79
CA VAL A 687 -1.41 0.82 -28.48
C VAL A 687 -1.10 -0.47 -27.76
N ALA A 688 -1.84 -0.75 -26.71
CA ALA A 688 -1.59 -1.98 -25.96
C ALA A 688 -2.85 -2.62 -25.39
N LEU A 689 -2.74 -3.91 -25.14
CA LEU A 689 -3.83 -4.67 -24.56
C LEU A 689 -3.25 -5.35 -23.33
N HIS A 690 -3.90 -5.13 -22.18
CA HIS A 690 -3.45 -5.72 -20.93
C HIS A 690 -4.55 -6.61 -20.38
N VAL A 691 -4.16 -7.76 -19.87
CA VAL A 691 -5.13 -8.69 -19.31
C VAL A 691 -4.60 -9.20 -17.98
N ASN A 692 -5.45 -9.15 -16.98
CA ASN A 692 -5.08 -9.63 -15.66
C ASN A 692 -6.05 -10.76 -15.35
N ASN A 693 -5.50 -11.88 -14.91
CA ASN A 693 -6.27 -13.08 -14.60
C ASN A 693 -6.82 -13.62 -15.92
N LEU A 694 -5.89 -13.88 -16.84
CA LEU A 694 -6.19 -14.40 -18.17
C LEU A 694 -7.20 -15.55 -18.15
N PHE A 695 -6.98 -16.50 -17.25
CA PHE A 695 -7.87 -17.66 -17.13
C PHE A 695 -9.04 -17.39 -16.20
N ASP A 696 -9.44 -16.13 -16.09
CA ASP A 696 -10.54 -15.71 -15.23
C ASP A 696 -10.71 -16.64 -14.04
N ARG A 697 -9.61 -16.95 -13.35
CA ARG A 697 -9.69 -17.82 -12.20
C ARG A 697 -10.56 -17.21 -11.13
N GLU A 698 -11.23 -18.06 -10.37
CA GLU A 698 -12.10 -17.64 -9.27
C GLU A 698 -11.38 -17.96 -7.96
N TYR A 699 -11.01 -16.94 -7.21
CA TYR A 699 -10.30 -17.18 -5.95
C TYR A 699 -10.63 -16.21 -4.84
N VAL A 700 -10.74 -16.72 -3.63
CA VAL A 700 -10.98 -15.85 -2.50
C VAL A 700 -9.57 -15.34 -2.23
N ALA A 701 -9.40 -14.02 -2.29
CA ALA A 701 -8.10 -13.40 -2.07
C ALA A 701 -7.64 -13.68 -0.66
N SER A 702 -8.56 -13.52 0.30
CA SER A 702 -8.26 -13.76 1.70
C SER A 702 -9.46 -13.44 2.56
N CYS A 703 -9.26 -13.61 3.87
CA CYS A 703 -10.27 -13.33 4.87
C CYS A 703 -9.47 -12.86 6.06
N PHE A 704 -10.01 -11.94 6.84
CA PHE A 704 -9.30 -11.49 8.03
C PHE A 704 -10.00 -12.13 9.22
N ASN A 705 -11.13 -12.77 8.92
CA ASN A 705 -11.94 -13.47 9.91
C ASN A 705 -13.02 -14.28 9.16
N THR A 706 -13.65 -15.23 9.84
CA THR A 706 -14.67 -16.09 9.24
C THR A 706 -15.78 -15.35 8.52
N TYR A 707 -16.01 -14.10 8.90
CA TYR A 707 -17.06 -13.30 8.30
C TYR A 707 -16.52 -12.21 7.39
N GLY A 708 -15.20 -12.18 7.23
CA GLY A 708 -14.58 -11.16 6.39
C GLY A 708 -13.70 -11.73 5.30
N CYS A 709 -14.32 -12.20 4.22
CA CYS A 709 -13.59 -12.76 3.09
C CYS A 709 -13.80 -11.89 1.87
N PHE A 710 -12.84 -11.88 0.97
CA PHE A 710 -12.93 -11.06 -0.24
C PHE A 710 -12.61 -11.81 -1.51
N TRP A 711 -13.55 -11.79 -2.45
CA TRP A 711 -13.34 -12.47 -3.72
C TRP A 711 -12.19 -11.75 -4.41
N GLY A 712 -11.33 -12.54 -5.06
CA GLY A 712 -10.21 -11.96 -5.80
C GLY A 712 -10.80 -11.26 -7.02
N ALA A 713 -9.95 -10.73 -7.89
CA ALA A 713 -10.44 -10.04 -9.08
C ALA A 713 -10.65 -10.98 -10.26
N GLU A 714 -11.78 -10.79 -10.96
CA GLU A 714 -12.10 -11.59 -12.13
C GLU A 714 -11.28 -11.06 -13.30
N ARG A 715 -11.12 -11.87 -14.34
CA ARG A 715 -10.36 -11.46 -15.51
C ARG A 715 -10.75 -10.06 -15.97
N GLN A 716 -9.74 -9.24 -16.23
CA GLN A 716 -9.97 -7.88 -16.69
C GLN A 716 -9.13 -7.56 -17.92
N VAL A 717 -9.78 -6.95 -18.91
CA VAL A 717 -9.13 -6.58 -20.17
C VAL A 717 -9.18 -5.07 -20.36
N VAL A 718 -8.05 -4.49 -20.73
CA VAL A 718 -7.98 -3.06 -20.97
C VAL A 718 -7.24 -2.73 -22.25
N ALA A 719 -7.78 -1.79 -23.01
CA ALA A 719 -7.16 -1.36 -24.26
C ALA A 719 -6.61 0.03 -23.99
N THR A 720 -5.33 0.22 -24.24
CA THR A 720 -4.70 1.51 -24.00
C THR A 720 -4.05 2.09 -25.25
N ALA A 721 -4.19 3.40 -25.39
CA ALA A 721 -3.62 4.13 -26.50
C ALA A 721 -2.99 5.36 -25.87
N THR A 722 -1.67 5.36 -25.76
CA THR A 722 -0.98 6.50 -25.17
C THR A 722 -0.13 7.16 -26.26
N PHE A 723 -0.54 8.37 -26.64
CA PHE A 723 0.12 9.15 -27.67
C PHE A 723 1.12 10.15 -27.10
N ARG A 724 2.29 10.23 -27.74
CA ARG A 724 3.33 11.15 -27.33
C ARG A 724 3.50 12.20 -28.43
N PHE A 725 3.03 13.42 -28.17
CA PHE A 725 3.14 14.48 -29.17
C PHE A 725 4.45 15.24 -29.03
C1 PA1 B . -3.78 23.16 15.42
O1 PA1 B . -3.86 23.73 16.70
C2 PA1 B . -2.73 23.88 14.56
N2 PA1 B . -1.47 24.02 15.28
C3 PA1 B . -3.23 25.26 14.16
C4 PA1 B . -4.59 25.16 13.50
O4 PA1 B . -5.07 26.46 13.20
C5 PA1 B . -5.59 24.45 14.41
O5 PA1 B . -5.09 23.14 14.80
C6 PA1 B . -6.95 24.22 13.75
O6 PA1 B . -6.94 24.69 12.37
C1 GCN B . -7.36 23.68 11.51
C2 GCN B . -6.77 23.82 10.09
C3 GCN B . -7.66 24.51 9.03
C4 GCN B . -9.14 24.14 9.22
C5 GCN B . -9.52 24.38 10.67
C6 GCN B . -10.99 24.11 10.93
N2 GCN B . -5.47 24.46 10.14
O4 GCN B . -9.98 24.90 8.35
O5 GCN B . -8.77 23.50 11.53
O6 GCN B . -11.27 24.38 12.32
C1 KDO B . -13.43 25.17 11.70
O1A KDO B . -14.40 24.63 11.14
O1B KDO B . -13.11 26.36 11.49
C2 KDO B . -12.61 24.36 12.69
C3 KDO B . -12.77 24.95 14.10
C4 KDO B . -12.14 24.03 15.16
O4 KDO B . -12.43 24.53 16.45
C5 KDO B . -12.74 22.63 15.00
O5 KDO B . -14.18 22.71 15.19
C6 KDO B . -12.44 22.14 13.59
O6 KDO B . -13.09 23.01 12.63
C7 KDO B . -12.90 20.68 13.39
O7 KDO B . -12.08 19.83 14.17
C8 KDO B . -12.85 20.26 11.92
O8 KDO B . -11.49 20.05 11.56
C1 GMH B . -14.81 21.58 15.75
C2 GMH B . -16.33 21.79 15.78
C3 GMH B . -16.71 22.89 16.77
C4 GMH B . -16.08 22.62 18.17
C5 GMH B . -14.56 22.34 18.02
C6 GMH B . -13.90 21.95 19.33
C7 GMH B . -12.38 22.04 19.18
O2 GMH B . -16.93 20.56 16.16
O3 GMH B . -18.15 22.96 16.90
O4 GMH B . -16.28 23.78 19.01
O5 GMH B . -14.35 21.29 17.06
O6 GMH B . -14.28 20.63 19.68
O7 GMH B . -11.75 21.01 19.93
C1 GMH B . -18.82 23.82 16.02
C2 GMH B . -20.01 24.47 16.75
C3 GMH B . -20.94 25.23 15.79
C4 GMH B . -21.39 24.33 14.62
C5 GMH B . -20.66 22.97 14.62
C6 GMH B . -20.89 22.30 13.26
C7 GMH B . -20.89 20.77 13.38
O2 GMH B . -19.52 25.36 17.75
O3 GMH B . -20.25 26.38 15.25
O4 GMH B . -22.85 24.21 14.53
O5 GMH B . -19.23 23.17 14.81
O6 GMH B . -19.88 22.71 12.35
O7 GMH B . -21.04 20.19 12.09
C1 GLC B . -21.04 27.53 15.13
C2 GLC B . -20.32 28.57 14.27
C3 GLC B . -19.09 29.13 14.99
C4 GLC B . -19.44 29.59 16.41
C5 GLC B . -20.24 28.52 17.17
C6 GLC B . -20.80 29.07 18.48
O2 GLC B . -19.93 27.98 13.03
O3 GLC B . -18.58 30.26 14.26
O4 GLC B . -18.25 29.88 17.13
O5 GLC B . -21.37 28.09 16.39
O6 GLC B . -21.93 29.90 18.17
C1 GLC B . -17.25 30.17 13.83
C2 GLC B . -16.65 31.58 13.70
C3 GLC B . -17.36 32.35 12.59
C4 GLC B . -17.31 31.55 11.28
C5 GLC B . -17.84 30.12 11.49
C6 GLC B . -17.64 29.23 10.27
O2 GLC B . -16.78 32.29 14.94
O3 GLC B . -16.72 33.60 12.40
O4 GLC B . -18.10 32.21 10.29
O5 GLC B . -17.14 29.48 12.59
O6 GLC B . -16.71 28.20 10.53
C1 GLA B . -22.27 30.79 19.21
C2 GLA B . -23.35 31.76 18.71
C3 GLA B . -22.75 32.72 17.66
C4 GLA B . -21.54 33.43 18.25
C5 GLA B . -20.53 32.40 18.73
C6 GLA B . -19.31 33.02 19.39
O2 GLA B . -24.42 31.03 18.10
O3 GLA B . -23.73 33.68 17.28
O4 GLA B . -21.94 34.24 19.34
O5 GLA B . -21.14 31.52 19.70
O6 GLA B . -18.90 32.26 20.52
C1 KDO B . -10.08 24.66 16.98
O1A KDO B . -9.12 25.27 16.47
O1B KDO B . -9.98 23.52 17.49
C2 KDO B . -11.45 25.34 17.02
C3 KDO B . -11.79 25.62 18.49
C4 KDO B . -13.01 26.54 18.60
O4 KDO B . -13.23 26.88 19.96
C5 KDO B . -12.74 27.80 17.79
O5 KDO B . -11.58 28.44 18.29
C6 KDO B . -12.51 27.39 16.33
O6 KDO B . -11.33 26.55 16.25
C7 KDO B . -12.36 28.61 15.42
O7 KDO B . -11.23 29.37 15.84
C8 KDO B . -13.60 29.49 15.44
O8 KDO B . -14.53 29.02 14.47
P PO4 C . -10.80 24.03 7.43
O2 PO4 C . -11.78 25.02 6.89
O3 PO4 C . -9.74 23.59 6.50
O4 PO4 C . -11.35 23.01 8.35
P PO4 D . -23.53 23.36 15.60
O2 PO4 D . -23.39 22.01 15.01
O3 PO4 D . -22.77 23.63 16.83
O4 PO4 D . -24.89 23.97 15.53
C1 FTT E . -0.33 24.14 14.58
C2 FTT E . 0.98 24.14 15.35
C3 FTT E . 2.18 23.83 14.44
C4 FTT E . 3.51 24.07 15.16
C5 FTT E . 4.75 23.73 14.32
C6 FTT E . 4.74 24.41 12.97
C7 FTT E . 6.05 24.24 12.18
C8 FTT E . 5.91 24.86 10.80
C9 FTT E . 7.25 25.10 10.11
C10 FTT E . 7.00 25.77 8.74
C11 FTT E . 8.25 26.40 8.13
C12 FTT E . 9.24 25.37 7.62
C13 FTT E . 10.41 26.05 6.91
C14 FTT E . 9.94 26.83 5.69
O2 FTT E . -0.31 24.22 13.34
O3 FTT E . 2.10 22.48 14.00
C1 FTT F . -1.79 27.12 13.70
C2 FTT F . -0.96 27.80 12.64
C3 FTT F . -1.63 29.06 12.09
C4 FTT F . -0.81 29.62 10.93
O2 FTT F . -2.04 27.55 14.83
O3 FTT F . -2.95 28.74 11.64
O1 FTT F . -2.31 25.87 13.26
C1 FTT G . -4.38 23.73 9.91
C2 FTT G . -3.05 24.37 10.21
C3 FTT G . -2.16 24.50 8.95
C4 FTT G . -2.90 25.32 7.89
C5 FTT G . -2.05 26.03 6.86
C6 FTT G . -1.14 25.11 6.07
C7 FTT G . -0.63 25.87 4.85
C8 FTT G . 0.58 25.21 4.20
C9 FTT G . 0.91 25.94 2.91
C10 FTT G . 2.12 25.34 2.22
C11 FTT G . 2.32 25.95 0.84
C12 FTT G . 3.62 25.49 0.21
C13 FTT G . 3.84 26.13 -1.14
C14 FTT G . 5.22 25.84 -1.66
O2 FTT G . -4.42 22.59 9.48
O3 FTT G . -0.92 25.08 9.28
O2 DAO H . -0.09 22.93 9.54
C1 DAO H . 0.03 24.14 9.77
C2 DAO H . 1.12 24.78 10.60
C3 DAO H . 1.83 25.91 9.88
C4 DAO H . 2.54 25.44 8.62
C5 DAO H . 3.39 26.55 8.02
C6 DAO H . 4.11 26.07 6.77
C7 DAO H . 4.94 27.17 6.13
C8 DAO H . 5.59 26.70 4.85
C9 DAO H . 6.34 27.84 4.15
C10 DAO H . 7.00 27.34 2.87
C11 DAO H . 7.69 28.46 2.11
C12 DAO H . 8.28 27.93 0.82
C1 FTT I . -6.96 25.09 6.79
C2 FTT I . -7.15 24.64 5.33
C3 FTT I . -6.60 25.65 4.32
C4 FTT I . -5.06 25.62 4.18
C5 FTT I . -4.56 26.53 3.06
C6 FTT I . -3.13 26.21 2.63
C7 FTT I . -2.80 26.92 1.31
C8 FTT I . -1.61 26.25 0.62
C9 FTT I . -1.45 26.68 -0.83
C10 FTT I . -0.85 28.06 -0.95
C11 FTT I . 0.41 28.05 -1.82
C12 FTT I . 0.08 27.76 -3.28
C13 FTT I . 1.33 27.80 -4.14
C14 FTT I . 0.98 27.60 -5.60
O2 FTT I . -6.61 26.21 7.14
O3 FTT I . -7.20 25.50 3.04
O1 FTT I . -7.23 24.07 7.72
C1 MYR J . -7.54 24.18 2.67
O2 MYR J . -8.70 23.80 2.68
C2 MYR J . -6.34 23.35 2.24
C3 MYR J . -6.63 22.56 0.97
C4 MYR J . -6.76 23.48 -0.23
C5 MYR J . -5.40 23.82 -0.80
C6 MYR J . -5.51 24.90 -1.85
C7 MYR J . -4.19 25.08 -2.59
C8 MYR J . -4.22 26.32 -3.46
C9 MYR J . -3.01 26.40 -4.36
C10 MYR J . -3.13 25.44 -5.54
C11 MYR J . -2.01 25.67 -6.54
C12 MYR J . -2.37 25.15 -7.92
C13 MYR J . -1.39 25.66 -8.96
C14 MYR J . -1.89 25.32 -10.36
P1 DPO K . -3.94 22.70 17.80
O2 DPO K . -5.31 23.00 18.29
O3 DPO K . -3.76 21.38 17.12
O4 DPO K . -2.81 23.17 18.65
P2 DPO K . -1.36 22.88 18.38
O5 DPO K . -1.24 22.00 17.19
O6 DPO K . -0.63 24.15 18.13
O7 DPO K . -0.78 22.20 19.55
O2 EAP L . -18.51 24.00 19.91
O3 EAP L . -17.11 22.04 20.50
O4 EAP L . -16.60 24.24 21.37
P EAP L . -17.14 23.49 20.19
C1 EAP L . -15.31 23.72 21.74
C2 EAP L . -14.48 24.80 22.40
N3 EAP L . -13.97 24.35 23.55
C1 FCI M . -15.74 -3.53 13.29
C2 FCI M . -10.43 -5.53 16.32
C3 FCI M . -15.67 -2.50 7.03
C4 FCI M . -14.35 -0.37 12.33
C5 FCI M . -13.19 -4.73 15.74
C6 FCI M . -11.33 0.17 7.51
C7 FCI M . -11.46 -1.27 13.08
C8 FCI M . -8.79 -3.48 14.44
C9 FCI M . -11.51 -4.33 8.42
C10 FCI M . -15.78 -2.34 12.32
C11 FCI M . -11.61 -5.82 17.25
C13 FCI M . -13.00 0.26 12.00
C14 FCI M . -14.53 -4.76 15.04
C16 FCI M . -10.34 -2.31 13.00
C17 FCI M . -8.46 -4.15 15.77
C18 FCI M . -16.73 -2.55 11.14
C21 FCI M . -13.09 1.16 10.76
C24 FCI M . -10.57 -3.30 11.85
C25 FCI M . -16.97 -1.30 10.33
C27 FCI M . -11.83 1.96 10.45
C29 FCI M . -11.80 -4.18 12.04
C30 FCI M . -17.19 -1.64 8.88
C32 FCI M . -10.74 1.08 9.82
C34 FCI M . -12.07 -5.03 10.81
C35 FCI M . -10.81 1.37 6.81
C36 FCI M . -16.75 -3.19 6.33
C37 FCI M . -10.52 -5.40 8.22
C38 FCI M . -11.60 -4.86 18.44
FE FCI M . -13.02 -1.97 8.09
N1 FCI M . -14.56 -1.63 11.97
N2 FCI M . -12.88 -5.74 16.54
N3 FCI M . -11.91 -0.70 11.97
N4 FCI M . -10.00 -2.97 14.24
N5 FCI M . -15.93 -1.83 8.16
N6 FCI M . -11.27 0.10 8.85
N7 FCI M . -14.67 -3.69 14.06
N8 FCI M . -12.17 -4.23 9.59
N9 FCI M . -9.64 -4.50 16.57
O1 FCI M . -16.69 -4.33 13.36
O2 FCI M . -10.22 -6.24 15.31
O3 FCI M . -14.50 -2.53 6.59
O4 FCI M . -15.25 0.28 12.93
O5 FCI M . -12.41 -3.77 15.59
O6 FCI M . -11.82 -0.78 6.86
O7 FCI M . -11.94 -0.95 14.19
O8 FCI M . -11.75 -3.52 7.50
O10 FCI M . -14.88 -1.21 8.78
O11 FCI M . -11.76 -1.04 9.43
O14 FCI M . -13.08 -3.22 9.70
O17 FCI M . -7.91 -3.35 13.56
O18 FCI M . -11.88 -5.55 19.66
N1 DDQ N . 4.18 -25.14 -1.97
O1 DDQ N . 4.33 -25.60 -0.66
CM1 DDQ N . 4.58 -26.22 -2.86
CM2 DDQ N . 2.79 -24.81 -2.20
C1 DDQ N . 5.10 -23.94 -2.12
C2 DDQ N . 5.09 -23.41 -3.59
C3 DDQ N . 6.42 -22.80 -3.94
C4 DDQ N . 6.42 -22.25 -5.39
C5 DDQ N . 7.79 -21.64 -5.72
C6 DDQ N . 7.77 -20.79 -6.99
C7 DDQ N . 9.18 -20.25 -7.25
C8 DDQ N . 9.25 -19.39 -8.51
C9 DDQ N . 10.49 -18.44 -8.50
C10 DDQ N . 10.54 -17.48 -9.72
N1 DDQ O . 0.29 -27.45 -4.62
O1 DDQ O . 0.63 -28.29 -3.57
CM1 DDQ O . -0.42 -28.23 -5.62
CM2 DDQ O . -0.60 -26.39 -4.12
C1 DDQ O . 1.58 -26.90 -5.19
C2 DDQ O . 1.30 -25.88 -6.33
C3 DDQ O . 2.47 -24.94 -6.53
C4 DDQ O . 2.19 -23.94 -7.65
C5 DDQ O . 3.37 -22.99 -7.87
C6 DDQ O . 3.18 -22.06 -9.06
C7 DDQ O . 4.36 -21.09 -9.16
C8 DDQ O . 4.22 -20.14 -10.34
C9 DDQ O . 5.20 -18.93 -10.23
C10 DDQ O . 4.68 -17.67 -10.98
#